data_8U2T
#
_entry.id   8U2T
#
_cell.length_a   59.068
_cell.length_b   69.923
_cell.length_c   150.718
_cell.angle_alpha   90.00
_cell.angle_beta   90.00
_cell.angle_gamma   90.00
#
_symmetry.space_group_name_H-M   'P 21 21 21'
#
loop_
_entity.id
_entity.type
_entity.pdbx_description
1 polymer 'Acetyl-coenzyme A synthetase'
2 non-polymer 'SULFATE ION'
3 non-polymer 'CHLORIDE ION'
4 non-polymer 'ADENOSINE MONOPHOSPHATE'
5 non-polymer 'COENZYME A'
6 water water
#
_entity_poly.entity_id   1
_entity_poly.type   'polypeptide(L)'
_entity_poly.pdbx_seq_one_letter_code
;MAHHHHHHMSDNPHSLHPLSSDSTSQALHSSTKPPATPHEGEFHSVRDSNVVEPTEANGKKSHVGPHLGSRMRIYEYSIE
HNDAFWAEIARRDFYWKTTWPDDQHVKSYNFDKSKGPIFVKWFEGAVTNVCYNALDRHLPAHKDRVCFYFEGNDPSVTEA
VTYGSMYTRVVELANVLKYQYGIAKGDRVGLYLPMIPFAAVAMLACARIGAVITVIFGGFSAQALSSRLKDAQTKLLITA
DASARGTKPIPLKDVADEALKECEEEGMSIACLVAENMNRQS(CSO)KMKEGRDTWYGDALARLTPEQHEECPVEWMDAE
DVLFLLYTSGSTGKPKAIVHTTAGYMVYASTTFMYSFDYHMDDVYFCTADIGWITGHSYVVYGPMIHCATSVLFEGVPNY
PDYSRWWQLVEKYKVSILYTAPTAIRSLMQAGDDYVKVGNRSTLRVLGSVGEPINVEAWKWLRDVGGEGHCDVSDTWWQT
ETGGHMITPMPGCTPMKPGSATLPFFGVQPVILDPMKLHEKQGPAEGLLAIRAPWPGMARTIYGDHARFEKTYFGVDGYY
MTGDGARRDSDGYYWITGRVDDVLNVSGHRIGTSEIEDAVNTHPAVVESAVVGFPHNIKGEGIYVFLTFRQGTEVTPELL
AAVKATVRKVIGPLATPDVMQVARVGLPKTRSGKIVRRILRKVSAGQYTELGDTSTLANPDVVEDLIAEHQRLCSQN
;
_entity_poly.pdbx_strand_id   A
#
loop_
_chem_comp.id
_chem_comp.type
_chem_comp.name
_chem_comp.formula
AMP non-polymer 'ADENOSINE MONOPHOSPHATE' 'C10 H14 N5 O7 P'
CL non-polymer 'CHLORIDE ION' 'Cl -1'
COA non-polymer 'COENZYME A' 'C21 H36 N7 O16 P3 S'
SO4 non-polymer 'SULFATE ION' 'O4 S -2'
#
# COMPACT_ATOMS: atom_id res chain seq x y z
N ASP A 48 17.17 -10.13 -25.41
CA ASP A 48 16.45 -11.36 -25.74
C ASP A 48 15.17 -11.10 -26.51
N SER A 49 14.59 -12.20 -27.00
CA SER A 49 13.37 -12.17 -27.79
C SER A 49 12.15 -11.72 -26.99
N ASN A 50 12.20 -11.78 -25.66
CA ASN A 50 11.04 -11.34 -24.88
C ASN A 50 11.08 -9.86 -24.55
N VAL A 51 12.09 -9.13 -25.01
CA VAL A 51 12.18 -7.70 -24.71
C VAL A 51 11.15 -6.94 -25.53
N VAL A 52 10.49 -5.96 -24.89
CA VAL A 52 9.61 -5.00 -25.52
C VAL A 52 10.27 -3.63 -25.44
N GLU A 53 10.51 -3.03 -26.60
CA GLU A 53 11.16 -1.73 -26.63
C GLU A 53 10.21 -0.62 -26.16
N PRO A 54 10.74 0.40 -25.48
CA PRO A 54 9.91 1.58 -25.14
C PRO A 54 9.42 2.25 -26.41
N THR A 55 8.28 2.92 -26.32
CA THR A 55 7.77 3.61 -27.51
C THR A 55 8.66 4.80 -27.86
N GLU A 56 8.73 5.11 -29.16
CA GLU A 56 9.55 6.23 -29.59
C GLU A 56 9.04 7.53 -28.97
N ALA A 57 7.72 7.71 -28.92
CA ALA A 57 7.18 8.95 -28.37
C ALA A 57 7.56 9.11 -26.91
N ASN A 58 7.50 8.03 -26.13
CA ASN A 58 7.88 8.15 -24.73
C ASN A 58 9.36 8.42 -24.56
N GLY A 59 10.19 7.88 -25.46
CA GLY A 59 11.61 8.20 -25.39
C GLY A 59 11.89 9.67 -25.62
N LYS A 60 11.17 10.28 -26.56
CA LYS A 60 11.35 11.70 -26.84
C LYS A 60 10.88 12.56 -25.68
N LYS A 61 9.88 12.11 -24.95
CA LYS A 61 9.31 12.87 -23.84
C LYS A 61 10.07 12.67 -22.53
N SER A 62 10.83 11.59 -22.41
CA SER A 62 11.34 11.15 -21.12
C SER A 62 12.18 12.23 -20.43
N HIS A 63 11.98 12.34 -19.10
CA HIS A 63 12.83 13.19 -18.27
C HIS A 63 14.27 12.69 -18.26
N VAL A 64 14.45 11.39 -18.52
CA VAL A 64 15.77 10.77 -18.46
C VAL A 64 16.45 10.85 -19.82
N GLY A 65 15.80 10.29 -20.83
CA GLY A 65 16.32 10.27 -22.17
C GLY A 65 15.73 9.13 -22.96
N PRO A 66 16.17 8.99 -24.21
CA PRO A 66 15.53 8.05 -25.14
C PRO A 66 16.12 6.65 -25.16
N HIS A 67 17.19 6.41 -24.42
CA HIS A 67 17.97 5.17 -24.52
C HIS A 67 18.28 4.68 -23.12
N LEU A 68 18.53 3.38 -22.99
CA LEU A 68 18.89 2.85 -21.67
C LEU A 68 20.13 3.52 -21.12
N GLY A 69 21.09 3.87 -22.00
CA GLY A 69 22.30 4.54 -21.56
C GLY A 69 22.04 5.81 -20.79
N SER A 70 20.92 6.50 -21.09
CA SER A 70 20.59 7.73 -20.37
C SER A 70 20.27 7.41 -18.93
N ARG A 71 19.53 6.34 -18.71
CA ARG A 71 19.20 5.92 -17.36
C ARG A 71 20.45 5.46 -16.62
N MET A 72 21.30 4.68 -17.29
CA MET A 72 22.46 4.10 -16.62
C MET A 72 23.47 5.19 -16.25
N ARG A 73 23.50 6.28 -17.01
N ARG A 73 23.51 6.27 -17.03
CA ARG A 73 24.36 7.41 -16.68
CA ARG A 73 24.37 7.40 -16.68
C ARG A 73 23.96 8.02 -15.35
C ARG A 73 23.96 7.98 -15.32
N ILE A 74 22.65 8.24 -15.15
CA ILE A 74 22.18 8.81 -13.89
C ILE A 74 22.32 7.79 -12.77
N TYR A 75 22.02 6.52 -13.06
CA TYR A 75 22.09 5.50 -12.02
C TYR A 75 23.50 5.42 -11.42
N GLU A 76 24.52 5.31 -12.28
CA GLU A 76 25.91 5.29 -11.84
C GLU A 76 26.23 6.45 -10.91
N TYR A 77 25.81 7.66 -11.30
CA TYR A 77 26.03 8.83 -10.46
C TYR A 77 25.27 8.72 -9.14
N SER A 78 24.05 8.22 -9.19
CA SER A 78 23.23 8.11 -8.00
C SER A 78 23.79 7.11 -6.99
N ILE A 79 24.64 6.21 -7.42
CA ILE A 79 25.30 5.24 -6.53
C ILE A 79 26.64 5.77 -6.03
N GLU A 80 27.47 6.27 -6.93
CA GLU A 80 28.82 6.62 -6.53
C GLU A 80 28.90 8.01 -5.94
N HIS A 81 27.92 8.87 -6.21
CA HIS A 81 27.82 10.19 -5.62
C HIS A 81 26.46 10.29 -4.97
N ASN A 82 26.18 9.33 -4.10
CA ASN A 82 24.82 9.11 -3.60
C ASN A 82 24.31 10.32 -2.84
N ASP A 83 25.15 10.92 -1.99
CA ASP A 83 24.71 12.07 -1.21
C ASP A 83 24.45 13.26 -2.12
N ALA A 84 25.37 13.55 -3.02
CA ALA A 84 25.23 14.71 -3.90
C ALA A 84 24.03 14.54 -4.82
N PHE A 85 23.76 13.30 -5.28
CA PHE A 85 22.59 13.06 -6.11
C PHE A 85 21.32 13.44 -5.36
N TRP A 86 21.16 12.94 -4.15
CA TRP A 86 19.94 13.23 -3.41
C TRP A 86 19.86 14.69 -2.99
N ALA A 87 21.00 15.31 -2.65
CA ALA A 87 20.99 16.73 -2.31
C ALA A 87 20.54 17.54 -3.52
N GLU A 88 21.03 17.19 -4.71
N GLU A 88 21.03 17.20 -4.71
CA GLU A 88 20.64 17.94 -5.91
CA GLU A 88 20.65 17.91 -5.92
C GLU A 88 19.16 17.75 -6.21
C GLU A 88 19.16 17.75 -6.19
N ILE A 89 18.65 16.52 -6.11
CA ILE A 89 17.23 16.29 -6.32
C ILE A 89 16.41 17.06 -5.29
N ALA A 90 16.81 16.96 -4.03
CA ALA A 90 16.05 17.60 -2.95
C ALA A 90 15.99 19.10 -3.14
N ARG A 91 17.11 19.72 -3.52
CA ARG A 91 17.12 21.16 -3.71
C ARG A 91 16.30 21.56 -4.93
N ARG A 92 16.31 20.73 -5.98
CA ARG A 92 15.68 21.10 -7.24
C ARG A 92 14.18 21.02 -7.16
N ASP A 93 13.66 19.99 -6.48
CA ASP A 93 12.27 19.60 -6.60
C ASP A 93 11.39 19.90 -5.39
N PHE A 94 11.94 20.48 -4.31
CA PHE A 94 11.20 20.66 -3.07
C PHE A 94 11.55 21.99 -2.41
N TYR A 95 10.60 22.48 -1.60
CA TYR A 95 10.79 23.66 -0.77
C TYR A 95 11.31 23.25 0.59
N TRP A 96 12.36 23.93 1.04
CA TRP A 96 12.94 23.77 2.36
C TRP A 96 12.91 25.11 3.07
N LYS A 97 12.35 25.13 4.29
CA LYS A 97 12.47 26.32 5.14
C LYS A 97 13.91 26.51 5.60
N THR A 98 14.58 25.41 5.92
CA THR A 98 16.00 25.37 6.23
C THR A 98 16.58 24.18 5.50
N THR A 99 17.70 24.38 4.84
CA THR A 99 18.33 23.27 4.16
CA THR A 99 18.36 23.28 4.14
C THR A 99 19.34 22.58 5.08
N TRP A 100 19.65 21.32 4.73
CA TRP A 100 20.67 20.58 5.44
C TRP A 100 22.02 21.28 5.27
N PRO A 101 22.99 21.02 6.15
CA PRO A 101 24.25 21.80 6.11
C PRO A 101 25.28 21.33 5.09
N ASP A 102 25.24 20.09 4.59
CA ASP A 102 26.34 19.57 3.79
C ASP A 102 25.82 18.62 2.72
N ASP A 103 25.87 19.07 1.46
CA ASP A 103 25.41 18.26 0.32
C ASP A 103 26.12 16.93 0.23
N GLN A 104 27.38 16.87 0.65
CA GLN A 104 28.24 15.70 0.61
CA GLN A 104 28.09 15.62 0.47
C GLN A 104 27.86 14.65 1.64
N HIS A 105 26.95 14.99 2.56
CA HIS A 105 26.64 14.12 3.71
C HIS A 105 25.19 14.36 4.16
N VAL A 106 24.24 13.83 3.38
CA VAL A 106 22.82 14.00 3.67
C VAL A 106 22.20 12.75 4.29
N LYS A 107 22.98 11.69 4.49
CA LYS A 107 22.51 10.52 5.20
C LYS A 107 23.52 10.14 6.26
N SER A 108 23.01 9.60 7.37
CA SER A 108 23.85 8.86 8.31
C SER A 108 23.06 7.60 8.64
N TYR A 109 23.78 6.50 8.87
CA TYR A 109 23.06 5.23 9.00
C TYR A 109 23.96 4.18 9.61
N ASN A 110 23.31 3.11 10.08
CA ASN A 110 23.99 1.88 10.43
C ASN A 110 23.09 0.73 10.03
N PHE A 111 23.60 -0.15 9.16
CA PHE A 111 22.91 -1.37 8.77
C PHE A 111 23.49 -2.62 9.42
N ASP A 112 24.49 -2.47 10.31
CA ASP A 112 25.21 -3.59 10.88
C ASP A 112 24.96 -3.63 12.39
N LYS A 113 24.16 -4.60 12.83
CA LYS A 113 23.79 -4.68 14.25
C LYS A 113 25.01 -4.86 15.15
N SER A 114 26.07 -5.48 14.63
CA SER A 114 27.24 -5.70 15.49
C SER A 114 27.90 -4.38 15.87
N LYS A 115 27.63 -3.31 15.14
CA LYS A 115 28.20 -2.01 15.42
C LYS A 115 27.31 -1.15 16.29
N GLY A 116 26.09 -1.60 16.59
CA GLY A 116 25.17 -0.80 17.36
C GLY A 116 23.76 -0.82 16.79
N PRO A 117 22.89 0.03 17.33
CA PRO A 117 21.52 0.09 16.83
C PRO A 117 21.43 0.36 15.34
N ILE A 118 20.48 -0.28 14.70
CA ILE A 118 20.14 0.04 13.32
C ILE A 118 19.48 1.40 13.28
N PHE A 119 19.93 2.27 12.38
CA PHE A 119 19.22 3.52 12.16
C PHE A 119 19.53 4.06 10.77
N VAL A 120 18.67 4.97 10.34
CA VAL A 120 18.87 5.77 9.13
CA VAL A 120 18.91 5.79 9.14
C VAL A 120 18.31 7.16 9.38
N LYS A 121 19.05 8.17 8.94
CA LYS A 121 18.56 9.54 8.94
C LYS A 121 18.92 10.18 7.61
N TRP A 122 17.98 10.94 7.06
CA TRP A 122 18.17 11.67 5.82
C TRP A 122 17.86 13.14 6.02
N PHE A 123 18.77 13.97 5.53
CA PHE A 123 18.57 15.42 5.51
C PHE A 123 18.47 15.99 6.92
N GLU A 124 19.13 15.36 7.89
CA GLU A 124 19.11 15.90 9.25
C GLU A 124 19.58 17.35 9.25
N GLY A 125 18.86 18.19 9.99
CA GLY A 125 19.09 19.61 10.02
C GLY A 125 18.16 20.41 9.13
N ALA A 126 17.56 19.77 8.14
CA ALA A 126 16.63 20.42 7.23
C ALA A 126 15.26 20.54 7.86
N VAL A 127 14.51 21.55 7.40
CA VAL A 127 13.17 21.86 7.89
C VAL A 127 12.25 22.02 6.68
N THR A 128 11.10 21.34 6.70
CA THR A 128 10.16 21.45 5.59
C THR A 128 8.77 21.12 6.09
N ASN A 129 7.83 21.03 5.16
CA ASN A 129 6.47 20.61 5.48
C ASN A 129 5.87 19.98 4.24
N VAL A 130 5.26 18.80 4.43
CA VAL A 130 4.73 18.03 3.30
C VAL A 130 3.53 18.74 2.68
N CYS A 131 2.64 19.29 3.52
CA CYS A 131 1.50 20.01 2.97
C CYS A 131 1.96 21.23 2.16
N TYR A 132 2.95 21.97 2.64
CA TYR A 132 3.44 23.12 1.89
C TYR A 132 3.95 22.69 0.52
N ASN A 133 4.69 21.58 0.46
CA ASN A 133 5.19 21.11 -0.81
C ASN A 133 4.10 20.54 -1.71
N ALA A 134 2.99 20.07 -1.14
CA ALA A 134 1.91 19.49 -1.91
C ALA A 134 0.93 20.51 -2.42
N LEU A 135 0.92 21.71 -1.82
CA LEU A 135 -0.16 22.65 -2.03
C LEU A 135 0.34 24.09 -2.11
N ASP A 136 0.69 24.68 -0.97
CA ASP A 136 1.01 26.11 -0.92
C ASP A 136 1.99 26.54 -1.98
N ARG A 137 3.06 25.77 -2.19
CA ARG A 137 4.09 26.27 -3.08
C ARG A 137 3.60 26.31 -4.51
N HIS A 138 2.52 25.60 -4.83
CA HIS A 138 1.99 25.64 -6.19
C HIS A 138 1.06 26.82 -6.41
N LEU A 139 0.88 27.65 -5.39
CA LEU A 139 -0.01 28.78 -5.48
C LEU A 139 0.79 30.06 -5.35
N PRO A 140 0.37 31.11 -6.04
CA PRO A 140 -0.86 31.19 -6.86
C PRO A 140 -0.74 30.68 -8.30
N ALA A 141 0.46 30.30 -8.74
CA ALA A 141 0.67 29.98 -10.15
C ALA A 141 -0.34 28.95 -10.68
N HIS A 142 -0.63 27.91 -9.90
CA HIS A 142 -1.46 26.82 -10.38
C HIS A 142 -2.80 26.75 -9.67
N LYS A 143 -3.32 27.89 -9.21
CA LYS A 143 -4.58 27.87 -8.45
C LYS A 143 -5.75 27.34 -9.27
N ASP A 144 -5.73 27.53 -10.60
CA ASP A 144 -6.80 27.08 -11.50
C ASP A 144 -6.54 25.72 -12.13
N ARG A 145 -5.43 25.06 -11.79
CA ARG A 145 -5.14 23.72 -12.24
C ARG A 145 -5.96 22.71 -11.44
N VAL A 146 -6.55 21.74 -12.14
CA VAL A 146 -7.27 20.66 -11.47
C VAL A 146 -6.28 19.78 -10.72
N CYS A 147 -6.57 19.57 -9.43
CA CYS A 147 -5.82 18.64 -8.60
C CYS A 147 -6.45 17.26 -8.69
N PHE A 148 -7.74 17.15 -8.42
CA PHE A 148 -8.46 15.89 -8.55
C PHE A 148 -9.70 16.07 -9.42
N TYR A 149 -9.83 15.23 -10.44
CA TYR A 149 -11.12 14.97 -11.07
C TYR A 149 -11.77 13.89 -10.23
N PHE A 150 -12.67 14.29 -9.34
CA PHE A 150 -13.33 13.33 -8.48
C PHE A 150 -14.59 12.77 -9.14
N GLU A 151 -14.78 11.46 -9.03
CA GLU A 151 -16.06 10.84 -9.36
C GLU A 151 -16.46 9.88 -8.25
N GLY A 152 -17.74 9.94 -7.89
CA GLY A 152 -18.29 9.02 -6.92
C GLY A 152 -18.54 7.64 -7.50
N ASN A 153 -18.89 6.72 -6.60
CA ASN A 153 -19.40 5.42 -7.05
C ASN A 153 -20.56 5.63 -8.02
N ASP A 154 -21.46 6.56 -7.69
CA ASP A 154 -22.56 6.98 -8.56
C ASP A 154 -22.01 7.91 -9.64
N PRO A 155 -22.15 7.57 -10.93
CA PRO A 155 -21.52 8.41 -11.95
C PRO A 155 -22.14 9.78 -12.09
N SER A 156 -23.27 10.03 -11.43
CA SER A 156 -23.81 11.39 -11.39
C SER A 156 -23.09 12.28 -10.40
N VAL A 157 -22.19 11.74 -9.57
CA VAL A 157 -21.48 12.51 -8.57
C VAL A 157 -20.10 12.80 -9.12
N THR A 158 -19.82 14.07 -9.39
CA THR A 158 -18.53 14.46 -9.92
C THR A 158 -18.18 15.84 -9.40
N GLU A 159 -16.88 16.11 -9.34
CA GLU A 159 -16.38 17.43 -8.96
C GLU A 159 -14.95 17.58 -9.44
N ALA A 160 -14.62 18.72 -10.07
CA ALA A 160 -13.24 19.04 -10.44
C ALA A 160 -12.70 19.97 -9.34
N VAL A 161 -11.72 19.48 -8.58
CA VAL A 161 -11.21 20.19 -7.42
C VAL A 161 -9.85 20.76 -7.80
N THR A 162 -9.76 22.08 -7.87
CA THR A 162 -8.50 22.72 -8.25
C THR A 162 -7.54 22.76 -7.06
N TYR A 163 -6.26 23.03 -7.35
CA TYR A 163 -5.30 23.27 -6.28
C TYR A 163 -5.76 24.43 -5.37
N GLY A 164 -6.32 25.48 -5.96
CA GLY A 164 -6.81 26.59 -5.15
C GLY A 164 -7.90 26.15 -4.19
N SER A 165 -8.80 25.30 -4.64
CA SER A 165 -9.86 24.79 -3.78
C SER A 165 -9.30 23.84 -2.72
N MET A 166 -8.31 23.01 -3.09
CA MET A 166 -7.67 22.17 -2.08
C MET A 166 -7.05 23.01 -0.96
N TYR A 167 -6.45 24.14 -1.30
CA TYR A 167 -5.84 24.97 -0.28
C TYR A 167 -6.88 25.46 0.73
N THR A 168 -7.98 26.04 0.24
CA THR A 168 -9.06 26.45 1.13
C THR A 168 -9.53 25.30 1.99
N ARG A 169 -9.76 24.13 1.37
CA ARG A 169 -10.32 23.01 2.13
C ARG A 169 -9.36 22.55 3.22
N VAL A 170 -8.06 22.57 2.91
CA VAL A 170 -7.05 22.13 3.86
C VAL A 170 -6.85 23.14 4.98
N VAL A 171 -6.79 24.45 4.69
CA VAL A 171 -6.62 25.40 5.78
C VAL A 171 -7.84 25.38 6.71
N GLU A 172 -9.05 25.21 6.14
CA GLU A 172 -10.24 25.09 6.99
C GLU A 172 -10.12 23.91 7.92
N LEU A 173 -9.81 22.74 7.39
CA LEU A 173 -9.75 21.57 8.24
C LEU A 173 -8.60 21.68 9.23
N ALA A 174 -7.45 22.20 8.78
CA ALA A 174 -6.32 22.33 9.71
C ALA A 174 -6.69 23.21 10.90
N ASN A 175 -7.44 24.28 10.66
CA ASN A 175 -7.86 25.14 11.76
C ASN A 175 -8.88 24.46 12.65
N VAL A 176 -9.82 23.71 12.07
CA VAL A 176 -10.70 22.89 12.90
C VAL A 176 -9.88 21.97 13.82
N LEU A 177 -8.86 21.31 13.27
CA LEU A 177 -8.08 20.39 14.10
C LEU A 177 -7.32 21.14 15.18
N LYS A 178 -6.67 22.24 14.84
CA LYS A 178 -5.89 22.98 15.82
C LYS A 178 -6.76 23.55 16.93
N TYR A 179 -7.89 24.15 16.57
CA TYR A 179 -8.63 25.00 17.50
C TYR A 179 -9.83 24.34 18.15
N GLN A 180 -10.52 23.46 17.46
N GLN A 180 -10.60 23.51 17.44
CA GLN A 180 -11.66 22.76 18.03
CA GLN A 180 -11.63 22.75 18.12
C GLN A 180 -11.26 21.41 18.63
C GLN A 180 -11.04 21.55 18.84
N TYR A 181 -10.18 20.79 18.15
CA TYR A 181 -9.75 19.50 18.65
C TYR A 181 -8.41 19.57 19.38
N GLY A 182 -7.78 20.73 19.39
CA GLY A 182 -6.51 20.85 20.09
C GLY A 182 -5.45 19.90 19.62
N ILE A 183 -5.42 19.60 18.33
CA ILE A 183 -4.42 18.68 17.79
C ILE A 183 -3.09 19.41 17.69
N ALA A 184 -2.08 18.85 18.33
CA ALA A 184 -0.75 19.44 18.39
C ALA A 184 0.24 18.60 17.58
N LYS A 185 1.39 19.19 17.32
CA LYS A 185 2.46 18.49 16.63
C LYS A 185 2.74 17.17 17.33
N GLY A 186 2.74 16.08 16.55
CA GLY A 186 3.03 14.76 17.05
C GLY A 186 1.82 13.98 17.54
N ASP A 187 0.67 14.64 17.77
CA ASP A 187 -0.53 13.91 18.12
C ASP A 187 -0.95 12.99 16.97
N ARG A 188 -1.51 11.82 17.30
CA ARG A 188 -2.00 10.87 16.30
C ARG A 188 -3.48 11.06 16.00
N VAL A 189 -3.81 10.99 14.72
CA VAL A 189 -5.15 11.16 14.19
C VAL A 189 -5.44 9.97 13.29
N GLY A 190 -6.51 9.23 13.59
CA GLY A 190 -6.93 8.13 12.74
C GLY A 190 -7.85 8.62 11.63
N LEU A 191 -7.68 8.03 10.44
CA LEU A 191 -8.54 8.31 9.30
C LEU A 191 -9.25 7.02 8.89
N TYR A 192 -10.58 7.10 8.77
CA TYR A 192 -11.37 5.95 8.33
C TYR A 192 -12.32 6.48 7.25
N LEU A 193 -11.82 6.51 6.01
CA LEU A 193 -12.43 7.33 4.98
C LEU A 193 -12.48 6.63 3.64
N PRO A 194 -13.48 6.95 2.81
CA PRO A 194 -13.51 6.48 1.43
C PRO A 194 -12.63 7.38 0.57
N MET A 195 -12.49 7.01 -0.71
CA MET A 195 -11.65 7.76 -1.66
C MET A 195 -12.46 8.93 -2.23
N ILE A 196 -12.51 9.98 -1.41
CA ILE A 196 -13.22 11.23 -1.71
C ILE A 196 -12.24 12.37 -1.45
N PRO A 197 -12.53 13.57 -1.97
CA PRO A 197 -11.56 14.65 -1.80
C PRO A 197 -11.19 14.89 -0.36
N PHE A 198 -12.18 14.78 0.54
CA PHE A 198 -11.91 15.02 1.95
C PHE A 198 -10.79 14.12 2.49
N ALA A 199 -10.60 12.92 1.94
CA ALA A 199 -9.53 12.03 2.40
C ALA A 199 -8.16 12.64 2.16
N ALA A 200 -7.95 13.18 0.98
CA ALA A 200 -6.72 13.92 0.72
C ALA A 200 -6.61 15.17 1.57
N VAL A 201 -7.72 15.91 1.72
CA VAL A 201 -7.73 17.10 2.57
C VAL A 201 -7.28 16.74 3.98
N ALA A 202 -7.81 15.64 4.52
CA ALA A 202 -7.50 15.23 5.88
C ALA A 202 -6.03 14.88 6.03
N MET A 203 -5.47 14.12 5.07
CA MET A 203 -4.06 13.78 5.15
C MET A 203 -3.20 15.04 5.12
N LEU A 204 -3.53 15.98 4.23
CA LEU A 204 -2.71 17.17 4.10
C LEU A 204 -2.89 18.13 5.28
N ALA A 205 -4.11 18.26 5.82
CA ALA A 205 -4.28 19.12 6.98
C ALA A 205 -3.50 18.60 8.18
N CYS A 206 -3.48 17.29 8.38
CA CYS A 206 -2.67 16.74 9.47
C CYS A 206 -1.19 17.01 9.22
N ALA A 207 -0.74 16.86 7.98
CA ALA A 207 0.65 17.18 7.67
C ALA A 207 0.95 18.65 7.92
N ARG A 208 0.00 19.52 7.59
CA ARG A 208 0.21 20.95 7.75
C ARG A 208 0.55 21.31 9.18
N ILE A 209 -0.09 20.66 10.15
CA ILE A 209 0.10 21.03 11.54
C ILE A 209 1.02 20.06 12.28
N GLY A 210 1.62 19.10 11.55
CA GLY A 210 2.58 18.20 12.14
C GLY A 210 1.98 17.09 12.93
N ALA A 211 0.69 16.85 12.77
CA ALA A 211 0.06 15.68 13.36
C ALA A 211 0.49 14.42 12.60
N VAL A 212 0.38 13.30 13.26
CA VAL A 212 0.73 12.00 12.72
C VAL A 212 -0.55 11.25 12.36
N ILE A 213 -0.72 10.94 11.11
CA ILE A 213 -1.91 10.19 10.70
C ILE A 213 -1.64 8.71 10.80
N THR A 214 -2.71 7.96 11.03
CA THR A 214 -2.75 6.53 10.75
C THR A 214 -4.05 6.28 10.00
N VAL A 215 -3.91 5.80 8.77
CA VAL A 215 -5.04 5.56 7.90
C VAL A 215 -5.46 4.11 8.06
N ILE A 216 -6.73 3.91 8.39
CA ILE A 216 -7.34 2.59 8.47
C ILE A 216 -8.21 2.40 7.24
N PHE A 217 -7.80 1.43 6.41
CA PHE A 217 -8.57 1.04 5.23
C PHE A 217 -10.05 0.88 5.57
N GLY A 218 -10.90 1.48 4.75
CA GLY A 218 -12.34 1.49 5.01
C GLY A 218 -13.00 0.13 4.97
N GLY A 219 -12.32 -0.89 4.46
CA GLY A 219 -12.86 -2.23 4.50
C GLY A 219 -12.58 -3.02 5.75
N PHE A 220 -11.73 -2.51 6.65
CA PHE A 220 -11.56 -3.14 7.95
C PHE A 220 -12.84 -3.06 8.77
N SER A 221 -13.04 -4.05 9.63
CA SER A 221 -14.15 -4.12 10.57
C SER A 221 -13.93 -3.17 11.75
N ALA A 222 -14.97 -3.05 12.58
CA ALA A 222 -14.89 -2.25 13.78
C ALA A 222 -13.79 -2.74 14.71
N GLN A 223 -13.67 -4.05 14.89
N GLN A 223 -13.67 -4.06 14.87
CA GLN A 223 -12.64 -4.56 15.78
CA GLN A 223 -12.66 -4.60 15.75
C GLN A 223 -11.25 -4.23 15.25
C GLN A 223 -11.26 -4.27 15.24
N ALA A 224 -11.07 -4.33 13.93
CA ALA A 224 -9.76 -4.02 13.35
C ALA A 224 -9.45 -2.54 13.43
N LEU A 225 -10.46 -1.70 13.24
CA LEU A 225 -10.27 -0.28 13.43
C LEU A 225 -9.94 0.03 14.89
N SER A 226 -10.68 -0.55 15.82
N SER A 226 -10.67 -0.55 15.82
CA SER A 226 -10.45 -0.26 17.24
CA SER A 226 -10.43 -0.23 17.23
C SER A 226 -9.02 -0.61 17.63
C SER A 226 -9.01 -0.61 17.63
N SER A 227 -8.52 -1.75 17.13
CA SER A 227 -7.18 -2.18 17.50
CA SER A 227 -7.18 -2.20 17.47
C SER A 227 -6.14 -1.17 17.04
N ARG A 228 -6.30 -0.64 15.83
CA ARG A 228 -5.36 0.35 15.32
C ARG A 228 -5.44 1.67 16.08
N LEU A 229 -6.65 2.12 16.44
CA LEU A 229 -6.77 3.36 17.21
C LEU A 229 -6.13 3.22 18.58
N LYS A 230 -6.35 2.08 19.24
N LYS A 230 -6.34 2.07 19.23
CA LYS A 230 -5.73 1.80 20.52
CA LYS A 230 -5.74 1.80 20.54
C LYS A 230 -4.21 1.78 20.43
C LYS A 230 -4.22 1.73 20.47
N ASP A 231 -3.68 1.02 19.48
CA ASP A 231 -2.22 0.86 19.42
C ASP A 231 -1.54 2.17 19.07
N ALA A 232 -2.16 2.99 18.22
CA ALA A 232 -1.56 4.27 17.84
C ALA A 232 -1.86 5.38 18.85
N GLN A 233 -2.75 5.13 19.82
CA GLN A 233 -3.19 6.12 20.80
C GLN A 233 -3.66 7.41 20.12
N THR A 234 -4.58 7.26 19.19
CA THR A 234 -5.15 8.39 18.48
C THR A 234 -6.00 9.24 19.42
N LYS A 235 -5.91 10.57 19.28
CA LYS A 235 -6.79 11.49 19.99
C LYS A 235 -8.11 11.71 19.28
N LEU A 236 -8.13 11.50 17.96
CA LEU A 236 -9.22 11.93 17.11
C LEU A 236 -9.36 10.91 16.00
N LEU A 237 -10.59 10.56 15.66
CA LEU A 237 -10.91 9.77 14.48
C LEU A 237 -11.65 10.68 13.52
N ILE A 238 -11.16 10.77 12.27
CA ILE A 238 -11.87 11.46 11.19
C ILE A 238 -12.49 10.39 10.30
N THR A 239 -13.80 10.47 10.10
CA THR A 239 -14.49 9.49 9.28
C THR A 239 -15.53 10.21 8.43
N ALA A 240 -16.38 9.44 7.76
CA ALA A 240 -17.49 9.99 6.99
C ALA A 240 -18.74 9.24 7.35
N ASP A 241 -19.91 9.79 6.97
CA ASP A 241 -21.14 9.10 7.28
C ASP A 241 -21.19 7.73 6.62
N ALA A 242 -20.90 7.66 5.32
CA ALA A 242 -20.98 6.38 4.63
C ALA A 242 -20.44 6.54 3.22
N SER A 243 -20.27 5.40 2.55
CA SER A 243 -19.90 5.35 1.15
C SER A 243 -20.69 4.22 0.50
N ALA A 244 -20.32 3.88 -0.73
CA ALA A 244 -20.99 2.84 -1.47
C ALA A 244 -19.98 2.28 -2.45
N ARG A 245 -20.02 0.98 -2.67
CA ARG A 245 -19.06 0.27 -3.53
C ARG A 245 -19.89 -0.61 -4.44
N GLY A 246 -20.14 -0.15 -5.66
CA GLY A 246 -21.08 -0.85 -6.50
C GLY A 246 -22.48 -0.75 -5.92
N THR A 247 -23.10 -1.91 -5.67
CA THR A 247 -24.40 -1.99 -5.02
C THR A 247 -24.31 -2.12 -3.50
N LYS A 248 -23.11 -2.22 -2.93
CA LYS A 248 -22.94 -2.51 -1.50
C LYS A 248 -22.86 -1.20 -0.72
N PRO A 249 -23.74 -0.96 0.25
CA PRO A 249 -23.53 0.19 1.15
C PRO A 249 -22.32 -0.05 2.01
N ILE A 250 -21.53 1.00 2.21
CA ILE A 250 -20.34 0.93 3.04
C ILE A 250 -20.58 1.78 4.29
N PRO A 251 -21.03 1.19 5.39
CA PRO A 251 -21.15 1.97 6.60
C PRO A 251 -19.75 2.34 7.06
N LEU A 252 -19.60 3.61 7.41
CA LEU A 252 -18.34 4.06 7.98
C LEU A 252 -18.53 4.56 9.40
N LYS A 253 -19.34 5.60 9.63
CA LYS A 253 -19.56 6.09 10.99
C LYS A 253 -20.24 5.04 11.87
N ASP A 254 -21.16 4.26 11.32
CA ASP A 254 -21.81 3.24 12.13
C ASP A 254 -20.80 2.20 12.60
N VAL A 255 -19.83 1.85 11.75
CA VAL A 255 -18.75 0.95 12.16
C VAL A 255 -17.88 1.63 13.18
N ALA A 256 -17.51 2.88 12.90
CA ALA A 256 -16.72 3.65 13.83
C ALA A 256 -17.38 3.75 15.21
N ASP A 257 -18.73 3.80 15.28
CA ASP A 257 -19.40 3.83 16.58
C ASP A 257 -19.02 2.61 17.43
N GLU A 258 -18.97 1.42 16.82
CA GLU A 258 -18.62 0.23 17.58
C GLU A 258 -17.14 0.22 17.95
N ALA A 259 -16.28 0.68 17.04
CA ALA A 259 -14.85 0.80 17.37
C ALA A 259 -14.64 1.76 18.53
N LEU A 260 -15.30 2.92 18.51
CA LEU A 260 -15.10 3.91 19.57
C LEU A 260 -15.59 3.39 20.92
N LYS A 261 -16.73 2.70 20.93
CA LYS A 261 -17.23 2.06 22.16
C LYS A 261 -16.21 1.11 22.75
N GLU A 262 -15.59 0.27 21.91
CA GLU A 262 -14.56 -0.63 22.39
C GLU A 262 -13.36 0.14 22.96
N CYS A 263 -12.95 1.22 22.30
CA CYS A 263 -11.81 2.00 22.79
C CYS A 263 -12.15 2.67 24.12
N GLU A 264 -13.38 3.16 24.27
CA GLU A 264 -13.78 3.79 25.51
C GLU A 264 -13.84 2.76 26.65
N GLU A 265 -14.38 1.58 26.39
CA GLU A 265 -14.37 0.53 27.41
C GLU A 265 -12.96 0.23 27.89
N GLU A 266 -11.98 0.43 27.01
CA GLU A 266 -10.57 0.28 27.33
C GLU A 266 -9.98 1.50 27.99
N GLY A 267 -10.79 2.49 28.33
CA GLY A 267 -10.32 3.70 28.97
C GLY A 267 -9.84 4.81 28.07
N MET A 268 -9.94 4.69 26.75
CA MET A 268 -9.53 5.78 25.88
C MET A 268 -10.64 6.82 25.76
N SER A 269 -10.25 8.03 25.38
CA SER A 269 -11.20 9.07 25.00
C SER A 269 -10.80 9.55 23.63
N ILE A 270 -11.65 9.28 22.63
CA ILE A 270 -11.35 9.61 21.24
C ILE A 270 -12.51 10.42 20.68
N ALA A 271 -12.23 11.62 20.20
CA ALA A 271 -13.24 12.45 19.56
C ALA A 271 -13.41 11.99 18.11
N CYS A 272 -14.54 12.38 17.51
CA CYS A 272 -14.83 11.93 16.15
C CYS A 272 -15.41 13.07 15.34
N LEU A 273 -14.81 13.30 14.18
CA LEU A 273 -15.23 14.31 13.23
C LEU A 273 -15.71 13.57 11.98
N VAL A 274 -16.92 13.91 11.50
CA VAL A 274 -17.62 13.11 10.50
C VAL A 274 -17.91 13.97 9.26
N ALA A 275 -17.29 13.61 8.13
CA ALA A 275 -17.55 14.30 6.86
C ALA A 275 -18.87 13.81 6.29
N GLU A 276 -19.63 14.76 5.72
CA GLU A 276 -20.86 14.43 5.03
C GLU A 276 -20.46 13.98 3.62
N ASN A 277 -20.68 12.72 3.32
CA ASN A 277 -20.41 12.21 2.00
C ASN A 277 -21.70 11.81 1.30
N MET A 278 -22.53 10.99 1.94
CA MET A 278 -23.76 10.49 1.32
C MET A 278 -25.01 11.23 1.82
N SER A 282 -27.51 11.30 8.75
CA SER A 282 -28.62 10.74 9.52
C SER A 282 -28.10 9.75 10.59
N CSO A 283 -26.80 9.82 10.87
CA CSO A 283 -26.16 8.94 11.85
CB CSO A 283 -24.64 9.03 11.72
SG CSO A 283 -23.97 8.79 10.07
C CSO A 283 -26.53 9.28 13.28
O CSO A 283 -26.83 10.43 13.59
OD CSO A 283 -24.06 7.12 9.97
N LYS A 284 -26.44 8.28 14.16
CA LYS A 284 -26.48 8.54 15.58
C LYS A 284 -25.14 9.20 15.91
N MET A 285 -25.20 10.45 16.37
CA MET A 285 -24.02 11.21 16.76
C MET A 285 -24.03 11.35 18.27
N LYS A 286 -22.99 10.84 18.91
CA LYS A 286 -22.90 10.93 20.36
C LYS A 286 -22.61 12.38 20.75
N GLU A 287 -23.48 12.94 21.58
CA GLU A 287 -23.31 14.31 22.05
C GLU A 287 -21.97 14.47 22.75
N GLY A 288 -21.22 15.49 22.33
CA GLY A 288 -19.93 15.78 22.92
C GLY A 288 -18.78 15.04 22.28
N ARG A 289 -19.03 13.86 21.74
CA ARG A 289 -17.95 13.14 21.08
C ARG A 289 -17.89 13.37 19.58
N ASP A 290 -19.04 13.37 18.91
CA ASP A 290 -19.14 13.35 17.46
C ASP A 290 -19.64 14.71 16.96
N THR A 291 -18.95 15.24 15.95
CA THR A 291 -19.31 16.50 15.31
C THR A 291 -19.36 16.34 13.80
N TRP A 292 -20.41 16.85 13.18
CA TRP A 292 -20.46 16.94 11.73
C TRP A 292 -19.48 18.00 11.25
N TYR A 293 -18.77 17.69 10.16
CA TYR A 293 -17.79 18.63 9.65
C TYR A 293 -18.44 19.99 9.32
N GLY A 294 -19.66 19.99 8.79
CA GLY A 294 -20.30 21.25 8.49
C GLY A 294 -20.48 22.12 9.72
N ASP A 295 -20.74 21.48 10.86
CA ASP A 295 -20.88 22.24 12.09
C ASP A 295 -19.54 22.74 12.60
N ALA A 296 -18.48 21.93 12.42
CA ALA A 296 -17.16 22.39 12.82
C ALA A 296 -16.74 23.60 12.00
N LEU A 297 -17.06 23.57 10.71
CA LEU A 297 -16.70 24.68 9.81
C LEU A 297 -17.40 25.96 10.23
N ALA A 298 -18.64 25.85 10.70
CA ALA A 298 -19.39 27.03 11.15
C ALA A 298 -18.72 27.71 12.33
N ARG A 299 -17.94 26.98 13.14
CA ARG A 299 -17.22 27.62 14.24
C ARG A 299 -16.03 28.44 13.78
N LEU A 300 -15.56 28.22 12.55
CA LEU A 300 -14.38 28.94 12.09
C LEU A 300 -14.71 30.43 11.90
N THR A 301 -13.72 31.26 12.14
CA THR A 301 -13.82 32.66 11.78
C THR A 301 -13.58 32.80 10.29
N PRO A 302 -14.01 33.90 9.69
CA PRO A 302 -13.71 34.12 8.26
C PRO A 302 -12.24 33.93 7.92
N GLU A 303 -11.33 34.46 8.72
CA GLU A 303 -9.92 34.36 8.37
C GLU A 303 -9.38 32.93 8.51
N GLN A 304 -10.05 32.08 9.30
CA GLN A 304 -9.66 30.69 9.38
C GLN A 304 -10.08 29.87 8.15
N HIS A 305 -10.83 30.48 7.21
CA HIS A 305 -11.02 29.87 5.90
C HIS A 305 -9.94 30.28 4.90
N GLU A 306 -9.05 31.21 5.29
CA GLU A 306 -8.09 31.77 4.37
C GLU A 306 -6.64 31.45 4.70
N GLU A 307 -6.31 31.24 5.98
CA GLU A 307 -4.93 31.07 6.39
C GLU A 307 -4.86 30.10 7.56
N CYS A 308 -3.82 29.27 7.57
CA CYS A 308 -3.49 28.44 8.72
C CYS A 308 -1.97 28.31 8.77
N PRO A 309 -1.31 28.72 9.85
CA PRO A 309 0.14 28.61 9.92
C PRO A 309 0.64 27.18 9.68
N VAL A 310 1.74 27.09 8.95
CA VAL A 310 2.41 25.82 8.70
C VAL A 310 3.30 25.49 9.90
N GLU A 311 3.22 24.25 10.37
CA GLU A 311 4.18 23.75 11.36
C GLU A 311 5.42 23.26 10.63
N TRP A 312 6.55 23.95 10.84
CA TRP A 312 7.77 23.62 10.12
C TRP A 312 8.44 22.43 10.82
N MET A 313 8.56 21.31 10.09
CA MET A 313 8.93 20.02 10.64
C MET A 313 10.41 19.73 10.45
N ASP A 314 11.01 19.12 11.46
CA ASP A 314 12.33 18.58 11.29
C ASP A 314 12.30 17.34 10.39
N ALA A 315 13.46 17.03 9.81
CA ALA A 315 13.54 15.99 8.77
C ALA A 315 13.05 14.65 9.27
N GLU A 316 13.35 14.28 10.52
CA GLU A 316 13.00 12.97 11.05
C GLU A 316 11.73 12.99 11.91
N ASP A 317 10.97 14.07 11.87
CA ASP A 317 9.67 14.02 12.52
C ASP A 317 8.77 13.02 11.83
N VAL A 318 7.96 12.32 12.62
CA VAL A 318 7.09 11.29 12.06
C VAL A 318 5.98 11.92 11.23
N LEU A 319 5.77 11.37 10.03
CA LEU A 319 4.66 11.76 9.18
C LEU A 319 3.45 10.82 9.32
N PHE A 320 3.62 9.50 9.23
CA PHE A 320 2.49 8.59 9.39
C PHE A 320 2.92 7.24 9.92
N LEU A 321 1.96 6.53 10.50
CA LEU A 321 2.07 5.14 10.95
C LEU A 321 1.14 4.34 10.05
N LEU A 322 1.60 3.23 9.49
CA LEU A 322 0.75 2.43 8.64
C LEU A 322 0.81 0.97 9.06
N TYR A 323 -0.32 0.46 9.57
CA TYR A 323 -0.35 -0.90 10.08
C TYR A 323 -0.31 -1.88 8.92
N THR A 324 0.58 -2.85 9.05
CA THR A 324 0.97 -3.74 7.97
C THR A 324 1.13 -5.13 8.54
N SER A 325 0.60 -6.13 7.83
CA SER A 325 0.70 -7.50 8.31
C SER A 325 2.10 -8.05 8.12
N GLY A 326 2.56 -8.82 9.11
CA GLY A 326 3.83 -9.48 9.06
C GLY A 326 3.65 -10.99 9.16
N SER A 327 4.79 -11.68 9.16
CA SER A 327 4.76 -13.13 9.06
C SER A 327 4.25 -13.77 10.34
N THR A 328 4.45 -13.09 11.48
CA THR A 328 3.97 -13.58 12.76
C THR A 328 3.34 -12.43 13.53
N GLY A 329 2.33 -12.76 14.32
CA GLY A 329 1.76 -11.80 15.22
C GLY A 329 0.83 -10.81 14.53
N LYS A 330 0.39 -9.85 15.32
CA LYS A 330 -0.57 -8.86 14.85
C LYS A 330 0.12 -7.86 13.93
N PRO A 331 -0.67 -7.12 13.13
CA PRO A 331 -0.07 -6.09 12.28
C PRO A 331 0.69 -5.09 13.10
N LYS A 332 1.79 -4.63 12.53
CA LYS A 332 2.66 -3.66 13.19
C LYS A 332 2.64 -2.36 12.41
N ALA A 333 2.81 -1.25 13.12
CA ALA A 333 2.82 0.04 12.46
C ALA A 333 4.20 0.35 11.91
N ILE A 334 4.29 0.49 10.61
CA ILE A 334 5.51 0.93 9.95
C ILE A 334 5.55 2.46 10.04
N VAL A 335 6.70 3.01 10.47
CA VAL A 335 6.84 4.45 10.71
C VAL A 335 7.61 5.11 9.57
N HIS A 336 7.02 6.14 8.98
CA HIS A 336 7.69 6.95 7.97
C HIS A 336 7.84 8.37 8.48
N THR A 337 9.04 8.93 8.29
CA THR A 337 9.29 10.28 8.73
C THR A 337 9.08 11.25 7.56
N THR A 338 9.60 12.48 7.67
CA THR A 338 9.12 13.54 6.80
C THR A 338 10.00 13.77 5.58
N ALA A 339 11.26 14.16 5.77
CA ALA A 339 12.04 14.64 4.61
C ALA A 339 12.35 13.53 3.62
N GLY A 340 12.97 12.43 4.10
CA GLY A 340 13.34 11.34 3.19
C GLY A 340 12.15 10.77 2.45
N TYR A 341 11.06 10.49 3.17
CA TYR A 341 9.87 9.94 2.53
C TYR A 341 9.29 10.90 1.50
N MET A 342 9.17 12.19 1.85
CA MET A 342 8.68 13.20 0.91
C MET A 342 9.49 13.17 -0.39
N VAL A 343 10.81 13.23 -0.26
CA VAL A 343 11.69 13.23 -1.43
C VAL A 343 11.55 11.95 -2.21
N TYR A 344 11.52 10.80 -1.52
CA TYR A 344 11.54 9.51 -2.23
C TYR A 344 10.21 9.22 -2.94
N ALA A 345 9.09 9.39 -2.25
CA ALA A 345 7.79 9.16 -2.87
C ALA A 345 7.60 10.05 -4.09
N SER A 346 8.02 11.30 -3.99
CA SER A 346 7.80 12.22 -5.09
C SER A 346 8.75 11.98 -6.26
N THR A 347 10.02 11.68 -5.98
CA THR A 347 10.98 11.45 -7.04
C THR A 347 10.67 10.17 -7.80
N THR A 348 10.25 9.11 -7.08
CA THR A 348 9.85 7.88 -7.79
C THR A 348 8.59 8.13 -8.61
N PHE A 349 7.61 8.89 -8.09
CA PHE A 349 6.44 9.22 -8.89
C PHE A 349 6.86 9.84 -10.21
N MET A 350 7.76 10.83 -10.14
CA MET A 350 8.17 11.57 -11.32
C MET A 350 8.85 10.64 -12.33
N TYR A 351 9.83 9.85 -11.91
CA TYR A 351 10.62 9.11 -12.89
C TYR A 351 10.00 7.79 -13.30
N SER A 352 9.36 7.07 -12.38
CA SER A 352 8.81 5.76 -12.70
C SER A 352 7.64 5.86 -13.67
N PHE A 353 6.90 6.96 -13.63
CA PHE A 353 5.79 7.21 -14.53
C PHE A 353 6.11 8.27 -15.57
N ASP A 354 7.30 8.87 -15.50
CA ASP A 354 7.69 10.00 -16.33
C ASP A 354 6.61 11.08 -16.34
N TYR A 355 6.15 11.47 -15.16
CA TYR A 355 5.07 12.45 -15.09
C TYR A 355 5.54 13.82 -15.55
N HIS A 356 4.84 14.40 -16.52
CA HIS A 356 5.00 15.80 -16.90
C HIS A 356 3.69 16.54 -16.64
N MET A 357 3.78 17.87 -16.67
CA MET A 357 2.63 18.69 -16.28
C MET A 357 1.46 18.50 -17.22
N ASP A 358 1.72 18.10 -18.47
CA ASP A 358 0.61 17.88 -19.39
C ASP A 358 -0.02 16.49 -19.25
N ASP A 359 0.51 15.66 -18.36
CA ASP A 359 -0.09 14.36 -18.14
C ASP A 359 -1.26 14.45 -17.15
N VAL A 360 -2.19 13.51 -17.31
CA VAL A 360 -3.28 13.27 -16.37
C VAL A 360 -3.11 11.86 -15.83
N TYR A 361 -3.11 11.74 -14.51
CA TYR A 361 -2.72 10.54 -13.80
C TYR A 361 -3.90 9.91 -13.07
N PHE A 362 -3.93 8.57 -13.06
CA PHE A 362 -5.00 7.83 -12.37
C PHE A 362 -4.40 6.59 -11.74
N CYS A 363 -4.36 6.58 -10.41
CA CYS A 363 -3.98 5.40 -9.63
C CYS A 363 -5.24 4.84 -8.95
N THR A 364 -5.44 3.53 -9.06
CA THR A 364 -6.67 2.91 -8.61
C THR A 364 -6.61 2.42 -7.17
N ALA A 365 -5.53 2.68 -6.44
CA ALA A 365 -5.33 2.17 -5.09
C ALA A 365 -5.99 3.06 -4.02
N ASP A 366 -6.28 2.44 -2.88
CA ASP A 366 -6.89 3.10 -1.74
C ASP A 366 -5.84 3.73 -0.84
N ILE A 367 -6.21 4.85 -0.18
CA ILE A 367 -5.30 5.46 0.81
C ILE A 367 -5.04 4.59 2.04
N GLY A 368 -5.84 3.57 2.27
CA GLY A 368 -5.59 2.63 3.34
C GLY A 368 -4.33 1.81 3.21
N TRP A 369 -3.70 1.84 2.02
CA TRP A 369 -2.46 1.13 1.78
C TRP A 369 -1.38 2.10 1.34
N ILE A 370 -0.14 1.61 1.37
CA ILE A 370 0.98 2.49 1.07
C ILE A 370 0.87 3.07 -0.35
N THR A 371 0.31 2.31 -1.30
CA THR A 371 0.21 2.84 -2.66
C THR A 371 -0.60 4.15 -2.70
N GLY A 372 -1.69 4.21 -1.93
CA GLY A 372 -2.48 5.42 -1.89
C GLY A 372 -1.81 6.58 -1.17
N HIS A 373 -0.99 6.28 -0.16
CA HIS A 373 -0.17 7.32 0.46
C HIS A 373 0.80 7.91 -0.56
N SER A 374 1.65 7.06 -1.12
CA SER A 374 2.75 7.55 -1.93
C SER A 374 2.28 7.97 -3.31
N TYR A 375 1.33 7.24 -3.89
CA TYR A 375 1.02 7.40 -5.32
C TYR A 375 -0.44 7.72 -5.59
N VAL A 376 -1.21 8.18 -4.62
CA VAL A 376 -2.44 8.93 -4.87
C VAL A 376 -2.35 10.34 -4.29
N VAL A 377 -1.95 10.46 -3.00
CA VAL A 377 -1.95 11.77 -2.36
C VAL A 377 -0.58 12.46 -2.39
N TYR A 378 0.42 11.93 -1.68
CA TYR A 378 1.63 12.72 -1.42
C TYR A 378 2.48 12.95 -2.67
N GLY A 379 2.96 11.88 -3.29
CA GLY A 379 3.82 11.99 -4.45
C GLY A 379 3.22 12.82 -5.57
N PRO A 380 1.99 12.49 -5.98
CA PRO A 380 1.40 13.22 -7.11
C PRO A 380 1.17 14.69 -6.81
N MET A 381 0.68 15.02 -5.63
CA MET A 381 0.41 16.42 -5.39
C MET A 381 1.70 17.22 -5.23
N ILE A 382 2.74 16.61 -4.68
CA ILE A 382 3.98 17.36 -4.54
C ILE A 382 4.53 17.73 -5.91
N HIS A 383 4.28 16.91 -6.94
CA HIS A 383 4.70 17.25 -8.29
C HIS A 383 3.58 17.93 -9.08
N CYS A 384 2.56 18.41 -8.39
CA CYS A 384 1.48 19.20 -8.97
C CYS A 384 0.75 18.42 -10.07
N ALA A 385 0.55 17.13 -9.82
CA ALA A 385 -0.17 16.30 -10.77
C ALA A 385 -1.64 16.69 -10.83
N THR A 386 -2.22 16.50 -12.01
CA THR A 386 -3.67 16.41 -12.17
C THR A 386 -4.02 14.94 -12.18
N SER A 387 -4.87 14.53 -11.26
CA SER A 387 -5.22 13.13 -11.05
C SER A 387 -6.73 12.91 -11.07
N VAL A 388 -7.08 11.68 -11.34
CA VAL A 388 -8.43 11.18 -11.16
C VAL A 388 -8.54 10.57 -9.77
N LEU A 389 -9.58 10.98 -9.04
CA LEU A 389 -9.87 10.41 -7.71
C LEU A 389 -11.22 9.72 -7.81
N PHE A 390 -11.25 8.41 -7.62
CA PHE A 390 -12.43 7.61 -7.90
C PHE A 390 -12.87 6.83 -6.67
N GLU A 391 -14.08 7.10 -6.22
CA GLU A 391 -14.60 6.46 -5.01
C GLU A 391 -15.06 5.02 -5.26
N GLY A 392 -15.30 4.64 -6.50
CA GLY A 392 -16.02 3.43 -6.79
C GLY A 392 -15.15 2.25 -7.20
N VAL A 393 -15.74 1.37 -8.00
CA VAL A 393 -15.17 0.06 -8.36
C VAL A 393 -15.19 -0.09 -9.88
N PRO A 394 -14.28 -0.90 -10.45
CA PRO A 394 -14.22 -1.02 -11.93
C PRO A 394 -15.44 -1.64 -12.57
N ASN A 395 -16.36 -2.26 -11.83
CA ASN A 395 -17.48 -2.96 -12.48
C ASN A 395 -18.84 -2.30 -12.20
N TYR A 396 -18.88 -1.04 -11.77
CA TYR A 396 -20.14 -0.36 -11.50
C TYR A 396 -20.11 1.03 -12.15
N PRO A 397 -21.12 1.36 -12.99
CA PRO A 397 -22.30 0.55 -13.32
C PRO A 397 -21.97 -0.72 -14.09
N ASP A 398 -20.88 -0.75 -14.84
CA ASP A 398 -20.44 -1.98 -15.49
C ASP A 398 -18.93 -1.93 -15.69
N TYR A 399 -18.39 -2.99 -16.31
CA TYR A 399 -16.95 -3.18 -16.42
C TYR A 399 -16.26 -2.19 -17.37
N SER A 400 -16.99 -1.25 -17.98
CA SER A 400 -16.34 -0.18 -18.75
C SER A 400 -15.96 1.01 -17.90
N ARG A 401 -16.31 1.01 -16.60
CA ARG A 401 -16.21 2.24 -15.82
C ARG A 401 -14.81 2.88 -15.84
N TRP A 402 -13.75 2.12 -15.58
CA TRP A 402 -12.43 2.75 -15.56
C TRP A 402 -12.06 3.31 -16.93
N TRP A 403 -12.49 2.66 -18.01
CA TRP A 403 -12.22 3.17 -19.34
C TRP A 403 -13.05 4.42 -19.63
N GLN A 404 -14.24 4.52 -19.02
CA GLN A 404 -15.02 5.74 -19.16
C GLN A 404 -14.31 6.89 -18.48
N LEU A 405 -13.67 6.62 -17.33
CA LEU A 405 -12.88 7.63 -16.65
C LEU A 405 -11.67 8.01 -17.47
N VAL A 406 -10.98 7.03 -18.04
CA VAL A 406 -9.81 7.33 -18.87
C VAL A 406 -10.18 8.27 -20.00
N GLU A 407 -11.27 7.98 -20.71
CA GLU A 407 -11.55 8.79 -21.88
C GLU A 407 -12.09 10.17 -21.50
N LYS A 408 -12.88 10.25 -20.42
CA LYS A 408 -13.49 11.52 -20.01
C LYS A 408 -12.45 12.51 -19.55
N TYR A 409 -11.43 12.06 -18.83
CA TYR A 409 -10.43 12.93 -18.24
C TYR A 409 -9.10 12.88 -18.99
N LYS A 410 -9.06 12.18 -20.13
CA LYS A 410 -7.88 12.14 -20.97
C LYS A 410 -6.67 11.63 -20.19
N VAL A 411 -6.88 10.56 -19.44
CA VAL A 411 -5.82 9.98 -18.63
C VAL A 411 -4.69 9.50 -19.52
N SER A 412 -3.46 9.85 -19.15
CA SER A 412 -2.29 9.37 -19.87
C SER A 412 -1.44 8.39 -19.08
N ILE A 413 -1.60 8.32 -17.76
CA ILE A 413 -0.85 7.40 -16.92
C ILE A 413 -1.82 6.71 -15.98
N LEU A 414 -1.87 5.38 -16.04
CA LEU A 414 -2.78 4.56 -15.26
C LEU A 414 -1.94 3.58 -14.44
N TYR A 415 -2.06 3.65 -13.11
CA TYR A 415 -1.34 2.78 -12.18
C TYR A 415 -2.32 1.88 -11.46
N THR A 416 -2.26 0.58 -11.71
CA THR A 416 -3.27 -0.30 -11.16
C THR A 416 -2.62 -1.61 -10.70
N ALA A 417 -3.43 -2.60 -10.42
CA ALA A 417 -2.94 -3.82 -9.78
C ALA A 417 -3.24 -5.03 -10.64
N PRO A 418 -2.37 -6.03 -10.62
CA PRO A 418 -2.64 -7.24 -11.43
C PRO A 418 -3.97 -7.94 -11.13
N THR A 419 -4.44 -7.96 -9.88
CA THR A 419 -5.72 -8.61 -9.61
C THR A 419 -6.84 -7.91 -10.37
N ALA A 420 -6.79 -6.58 -10.44
CA ALA A 420 -7.79 -5.85 -11.21
C ALA A 420 -7.65 -6.16 -12.68
N ILE A 421 -6.43 -6.14 -13.19
CA ILE A 421 -6.22 -6.48 -14.60
C ILE A 421 -6.79 -7.85 -14.92
N ARG A 422 -6.49 -8.85 -14.10
CA ARG A 422 -6.99 -10.18 -14.39
C ARG A 422 -8.51 -10.24 -14.35
N SER A 423 -9.14 -9.44 -13.49
CA SER A 423 -10.60 -9.42 -13.49
CA SER A 423 -10.60 -9.38 -13.47
C SER A 423 -11.14 -8.74 -14.75
N LEU A 424 -10.51 -7.66 -15.21
CA LEU A 424 -10.94 -7.06 -16.46
C LEU A 424 -10.76 -8.02 -17.65
N MET A 425 -9.68 -8.80 -17.64
CA MET A 425 -9.47 -9.79 -18.70
C MET A 425 -10.60 -10.80 -18.75
N GLN A 426 -11.01 -11.29 -17.60
CA GLN A 426 -12.06 -12.30 -17.56
C GLN A 426 -13.39 -11.72 -18.06
N ALA A 427 -13.62 -10.43 -17.83
CA ALA A 427 -14.93 -9.86 -18.13
C ALA A 427 -15.16 -9.66 -19.61
N GLY A 428 -14.10 -9.58 -20.42
CA GLY A 428 -14.30 -9.46 -21.84
C GLY A 428 -13.78 -8.16 -22.43
N ASP A 429 -13.25 -8.23 -23.63
CA ASP A 429 -12.61 -7.04 -24.19
C ASP A 429 -13.60 -6.00 -24.68
N ASP A 430 -14.86 -6.36 -24.91
CA ASP A 430 -15.82 -5.34 -25.37
C ASP A 430 -15.99 -4.22 -24.36
N TYR A 431 -15.82 -4.50 -23.06
CA TYR A 431 -15.95 -3.43 -22.06
C TYR A 431 -14.83 -2.42 -22.18
N VAL A 432 -13.65 -2.84 -22.66
CA VAL A 432 -12.51 -1.97 -22.84
C VAL A 432 -12.61 -1.23 -24.17
N LYS A 433 -12.97 -1.94 -25.23
CA LYS A 433 -12.85 -1.39 -26.56
C LYS A 433 -13.91 -0.33 -26.87
N VAL A 434 -14.97 -0.21 -26.06
CA VAL A 434 -15.88 0.93 -26.22
C VAL A 434 -15.26 2.23 -25.71
N GLY A 435 -14.15 2.16 -24.99
CA GLY A 435 -13.50 3.37 -24.47
C GLY A 435 -12.40 3.85 -25.41
N ASN A 436 -12.26 5.16 -25.51
CA ASN A 436 -11.15 5.78 -26.21
C ASN A 436 -9.90 5.79 -25.31
N ARG A 437 -8.89 5.00 -25.68
CA ARG A 437 -7.66 4.88 -24.90
C ARG A 437 -6.49 5.58 -25.55
N SER A 438 -6.75 6.45 -26.53
CA SER A 438 -5.68 7.09 -27.29
C SER A 438 -4.76 7.95 -26.42
N THR A 439 -5.26 8.47 -25.30
CA THR A 439 -4.42 9.32 -24.45
C THR A 439 -3.45 8.54 -23.56
N LEU A 440 -3.66 7.24 -23.37
CA LEU A 440 -2.76 6.46 -22.53
C LEU A 440 -1.37 6.33 -23.16
N ARG A 441 -0.34 6.55 -22.33
CA ARG A 441 1.03 6.32 -22.75
C ARG A 441 1.87 5.55 -21.74
N VAL A 442 1.48 5.50 -20.47
CA VAL A 442 2.18 4.73 -19.45
C VAL A 442 1.14 3.98 -18.62
N LEU A 443 1.38 2.69 -18.44
CA LEU A 443 0.57 1.85 -17.59
C LEU A 443 1.49 1.27 -16.52
N GLY A 444 1.05 1.26 -15.28
CA GLY A 444 1.87 0.77 -14.19
C GLY A 444 1.13 -0.33 -13.45
N SER A 445 1.90 -1.20 -12.82
CA SER A 445 1.36 -2.33 -12.08
C SER A 445 2.03 -2.38 -10.73
N VAL A 446 1.26 -2.61 -9.69
CA VAL A 446 1.83 -2.69 -8.34
C VAL A 446 1.19 -3.81 -7.51
N GLY A 447 2.01 -4.44 -6.69
CA GLY A 447 1.54 -5.15 -5.51
C GLY A 447 1.65 -6.65 -5.57
N GLU A 448 1.94 -7.22 -6.73
CA GLU A 448 1.97 -8.67 -6.89
C GLU A 448 2.65 -8.99 -8.22
N PRO A 449 3.09 -10.22 -8.39
CA PRO A 449 3.61 -10.63 -9.70
C PRO A 449 2.54 -10.50 -10.77
N ILE A 450 2.98 -10.15 -11.96
CA ILE A 450 2.12 -10.18 -13.13
C ILE A 450 2.74 -11.17 -14.12
N ASN A 451 1.93 -12.05 -14.68
CA ASN A 451 2.46 -12.99 -15.65
C ASN A 451 2.39 -12.40 -17.06
N VAL A 452 3.01 -13.11 -18.01
CA VAL A 452 3.18 -12.56 -19.36
C VAL A 452 1.84 -12.26 -20.01
N GLU A 453 0.85 -13.15 -19.83
CA GLU A 453 -0.43 -12.94 -20.51
C GLU A 453 -1.12 -11.66 -20.01
N ALA A 454 -1.13 -11.44 -18.70
CA ALA A 454 -1.77 -10.23 -18.19
C ALA A 454 -0.98 -8.99 -18.57
N TRP A 455 0.36 -9.08 -18.54
CA TRP A 455 1.18 -7.94 -18.97
C TRP A 455 0.87 -7.57 -20.40
N LYS A 456 0.83 -8.57 -21.29
CA LYS A 456 0.58 -8.32 -22.69
C LYS A 456 -0.82 -7.75 -22.90
N TRP A 457 -1.80 -8.27 -22.16
CA TRP A 457 -3.17 -7.75 -22.28
C TRP A 457 -3.22 -6.29 -21.86
N LEU A 458 -2.59 -5.97 -20.73
CA LEU A 458 -2.52 -4.59 -20.26
C LEU A 458 -1.96 -3.70 -21.34
N ARG A 459 -0.79 -4.06 -21.90
CA ARG A 459 -0.15 -3.17 -22.86
C ARG A 459 -0.89 -3.15 -24.20
N ASP A 460 -1.24 -4.32 -24.72
CA ASP A 460 -1.63 -4.40 -26.13
C ASP A 460 -3.13 -4.36 -26.34
N VAL A 461 -3.92 -4.61 -25.30
CA VAL A 461 -5.36 -4.42 -25.34
C VAL A 461 -5.71 -3.15 -24.58
N GLY A 462 -5.45 -3.11 -23.27
CA GLY A 462 -5.79 -1.92 -22.49
C GLY A 462 -5.18 -0.66 -23.07
N GLY A 463 -3.88 -0.71 -23.36
CA GLY A 463 -3.12 0.42 -23.88
C GLY A 463 -2.92 0.42 -25.37
N GLU A 464 -3.58 -0.48 -26.11
CA GLU A 464 -3.64 -0.47 -27.56
C GLU A 464 -2.26 -0.59 -28.19
N GLY A 465 -1.28 -1.09 -27.46
CA GLY A 465 0.05 -1.22 -28.02
C GLY A 465 0.83 0.07 -28.17
N HIS A 466 0.41 1.16 -27.52
CA HIS A 466 1.17 2.42 -27.58
C HIS A 466 1.49 2.94 -26.17
N CYS A 467 1.86 2.04 -25.28
CA CYS A 467 2.17 2.35 -23.90
C CYS A 467 3.42 1.61 -23.47
N ASP A 468 4.18 2.23 -22.59
CA ASP A 468 5.15 1.52 -21.80
C ASP A 468 4.47 1.06 -20.51
N VAL A 469 5.01 0.00 -19.91
CA VAL A 469 4.47 -0.61 -18.70
C VAL A 469 5.52 -0.54 -17.61
N SER A 470 5.16 0.05 -16.49
CA SER A 470 6.04 0.13 -15.32
C SER A 470 5.51 -0.83 -14.25
N ASP A 471 6.08 -2.03 -14.22
CA ASP A 471 5.87 -3.00 -13.14
C ASP A 471 6.82 -2.62 -12.01
N THR A 472 6.28 -2.03 -10.93
CA THR A 472 7.09 -1.44 -9.87
C THR A 472 7.12 -2.39 -8.70
N TRP A 473 8.31 -2.83 -8.29
CA TRP A 473 8.46 -3.63 -7.08
C TRP A 473 8.87 -2.70 -5.96
N TRP A 474 8.18 -2.80 -4.82
CA TRP A 474 8.47 -2.08 -3.59
C TRP A 474 7.55 -2.62 -2.49
N GLN A 475 7.63 -2.03 -1.30
CA GLN A 475 6.87 -2.48 -0.15
C GLN A 475 6.54 -1.29 0.75
N THR A 476 5.57 -1.52 1.65
CA THR A 476 5.26 -0.49 2.66
C THR A 476 6.53 0.06 3.31
N GLU A 477 7.44 -0.83 3.68
CA GLU A 477 8.66 -0.47 4.38
C GLU A 477 9.66 0.31 3.53
N THR A 478 9.53 0.31 2.19
CA THR A 478 10.50 1.02 1.36
C THR A 478 10.02 2.41 0.94
N GLY A 479 8.78 2.79 1.27
CA GLY A 479 8.30 4.15 1.04
C GLY A 479 7.91 4.46 -0.38
N GLY A 480 8.72 4.01 -1.34
CA GLY A 480 8.45 4.19 -2.74
C GLY A 480 9.07 3.08 -3.57
N HIS A 481 8.84 3.17 -4.89
CA HIS A 481 9.37 2.22 -5.85
C HIS A 481 10.86 1.94 -5.63
N MET A 482 11.25 0.67 -5.79
CA MET A 482 12.64 0.25 -5.60
C MET A 482 13.26 -0.35 -6.85
N ILE A 483 12.49 -1.12 -7.60
CA ILE A 483 12.93 -1.70 -8.86
C ILE A 483 11.79 -1.47 -9.84
N THR A 484 12.07 -0.81 -10.95
CA THR A 484 11.00 -0.38 -11.85
C THR A 484 11.55 -0.01 -13.20
N PRO A 485 10.80 -0.26 -14.28
CA PRO A 485 11.09 0.42 -15.54
C PRO A 485 10.81 1.91 -15.41
N MET A 486 11.41 2.65 -16.33
CA MET A 486 11.13 4.06 -16.53
C MET A 486 10.68 4.28 -17.97
N PRO A 487 9.59 4.99 -18.23
CA PRO A 487 9.07 5.06 -19.59
C PRO A 487 10.08 5.66 -20.55
N GLY A 488 10.11 5.10 -21.77
CA GLY A 488 10.87 5.69 -22.82
C GLY A 488 12.33 5.30 -22.86
N CYS A 489 12.93 4.94 -21.72
CA CYS A 489 14.35 4.60 -21.70
C CYS A 489 14.66 3.16 -21.31
N THR A 490 13.69 2.40 -20.79
CA THR A 490 13.97 1.08 -20.26
C THR A 490 13.31 -0.01 -21.08
N PRO A 491 14.07 -0.83 -21.80
CA PRO A 491 13.48 -2.03 -22.40
C PRO A 491 12.82 -2.90 -21.35
N MET A 492 11.63 -3.38 -21.67
CA MET A 492 10.84 -4.13 -20.72
C MET A 492 10.92 -5.62 -21.02
N LYS A 493 10.95 -6.42 -19.97
CA LYS A 493 10.72 -7.87 -20.08
C LYS A 493 9.42 -8.17 -19.35
N PRO A 494 8.40 -8.72 -20.00
CA PRO A 494 7.14 -8.94 -19.30
C PRO A 494 7.30 -9.90 -18.13
N GLY A 495 6.86 -9.44 -16.94
CA GLY A 495 7.00 -10.20 -15.72
C GLY A 495 8.17 -9.75 -14.85
N SER A 496 9.03 -8.90 -15.35
CA SER A 496 10.21 -8.41 -14.62
C SER A 496 10.00 -6.98 -14.17
N ALA A 497 10.48 -6.67 -12.96
CA ALA A 497 10.49 -5.28 -12.51
C ALA A 497 11.64 -4.48 -13.13
N THR A 498 12.56 -5.17 -13.79
CA THR A 498 13.74 -4.64 -14.49
C THR A 498 14.79 -4.13 -13.51
N LEU A 499 15.15 -2.83 -13.57
CA LEU A 499 16.37 -2.29 -12.96
C LEU A 499 16.08 -1.46 -11.72
N PRO A 500 17.04 -1.39 -10.79
CA PRO A 500 16.81 -0.59 -9.57
C PRO A 500 16.59 0.88 -9.85
N PHE A 501 15.74 1.49 -9.02
CA PHE A 501 15.56 2.93 -9.01
C PHE A 501 16.89 3.62 -8.66
N PHE A 502 17.03 4.87 -9.08
CA PHE A 502 18.18 5.68 -8.72
C PHE A 502 18.43 5.60 -7.21
N GLY A 503 19.71 5.41 -6.83
CA GLY A 503 20.10 5.35 -5.42
C GLY A 503 19.87 4.02 -4.74
N VAL A 504 19.30 3.04 -5.43
CA VAL A 504 18.94 1.76 -4.81
C VAL A 504 19.93 0.69 -5.26
N GLN A 505 20.46 -0.08 -4.32
CA GLN A 505 21.41 -1.17 -4.56
C GLN A 505 20.84 -2.50 -4.09
N PRO A 506 20.05 -3.19 -4.90
CA PRO A 506 19.60 -4.52 -4.53
C PRO A 506 20.72 -5.54 -4.69
N VAL A 507 20.58 -6.63 -3.93
CA VAL A 507 21.43 -7.81 -4.04
C VAL A 507 20.57 -9.07 -3.96
N ILE A 508 21.17 -10.17 -4.37
CA ILE A 508 20.60 -11.50 -4.22
C ILE A 508 21.48 -12.21 -3.20
N LEU A 509 20.91 -12.58 -2.08
CA LEU A 509 21.64 -13.32 -1.07
C LEU A 509 21.40 -14.81 -1.19
N ASP A 510 22.47 -15.59 -1.02
CA ASP A 510 22.32 -17.02 -0.92
C ASP A 510 21.56 -17.37 0.36
N PRO A 511 20.49 -18.16 0.29
CA PRO A 511 19.72 -18.47 1.51
C PRO A 511 20.54 -19.21 2.57
N MET A 512 21.58 -19.92 2.18
CA MET A 512 22.35 -20.69 3.16
C MET A 512 23.52 -19.90 3.72
N LYS A 513 24.36 -19.34 2.85
CA LYS A 513 25.53 -18.60 3.33
C LYS A 513 25.19 -17.15 3.68
N LEU A 514 24.15 -16.61 3.07
CA LEU A 514 23.77 -15.21 3.27
C LEU A 514 24.86 -14.24 2.84
N HIS A 515 25.62 -14.62 1.82
CA HIS A 515 26.54 -13.75 1.11
C HIS A 515 25.91 -13.33 -0.21
N GLU A 516 26.35 -12.19 -0.74
CA GLU A 516 25.86 -11.75 -2.05
C GLU A 516 26.33 -12.71 -3.14
N LYS A 517 25.47 -12.89 -4.15
CA LYS A 517 25.79 -13.65 -5.35
C LYS A 517 25.90 -12.68 -6.52
N GLN A 518 26.95 -12.83 -7.33
CA GLN A 518 27.18 -11.92 -8.43
C GLN A 518 26.69 -12.54 -9.74
N GLY A 519 26.31 -11.67 -10.68
CA GLY A 519 25.82 -12.13 -11.96
C GLY A 519 24.46 -12.77 -11.86
N PRO A 520 24.08 -13.57 -12.85
CA PRO A 520 22.80 -14.28 -12.79
C PRO A 520 22.72 -15.17 -11.55
N ALA A 521 21.67 -14.99 -10.77
CA ALA A 521 21.55 -15.62 -9.46
C ALA A 521 20.10 -15.56 -8.98
N GLU A 522 19.72 -16.57 -8.18
CA GLU A 522 18.43 -16.64 -7.52
C GLU A 522 18.62 -16.78 -6.02
N GLY A 523 17.76 -16.13 -5.25
CA GLY A 523 17.87 -16.24 -3.80
C GLY A 523 17.00 -15.22 -3.09
N LEU A 524 17.52 -14.67 -2.00
CA LEU A 524 16.78 -13.70 -1.20
C LEU A 524 17.05 -12.27 -1.68
N LEU A 525 15.99 -11.51 -1.89
CA LEU A 525 16.13 -10.12 -2.28
C LEU A 525 16.44 -9.25 -1.07
N ALA A 526 17.51 -8.49 -1.13
CA ALA A 526 17.88 -7.59 -0.04
C ALA A 526 18.38 -6.30 -0.66
N ILE A 527 18.54 -5.27 0.18
CA ILE A 527 19.03 -3.97 -0.25
C ILE A 527 20.23 -3.66 0.61
N ARG A 528 21.36 -3.37 -0.02
CA ARG A 528 22.63 -3.31 0.70
C ARG A 528 22.99 -1.91 1.21
N ALA A 529 22.21 -0.88 0.90
CA ALA A 529 22.57 0.49 1.26
C ALA A 529 21.29 1.27 1.48
N PRO A 530 21.35 2.36 2.25
CA PRO A 530 20.13 3.11 2.56
C PRO A 530 19.61 3.95 1.40
N TRP A 531 18.30 4.21 1.46
CA TRP A 531 17.63 5.10 0.52
C TRP A 531 16.68 5.98 1.31
N PRO A 532 16.31 7.15 0.77
CA PRO A 532 15.61 8.14 1.58
C PRO A 532 14.26 7.71 2.10
N GLY A 533 13.55 6.83 1.39
CA GLY A 533 12.20 6.41 1.68
C GLY A 533 12.05 5.29 2.68
N MET A 534 13.14 4.79 3.25
CA MET A 534 13.04 3.61 4.10
C MET A 534 12.28 3.93 5.37
N ALA A 535 11.41 2.99 5.76
CA ALA A 535 10.79 3.06 7.07
C ALA A 535 11.87 3.13 8.14
N ARG A 536 11.60 3.93 9.18
CA ARG A 536 12.63 4.19 10.19
C ARG A 536 12.55 3.22 11.38
N THR A 537 11.40 2.63 11.61
CA THR A 537 11.19 1.70 12.72
C THR A 537 9.79 1.10 12.62
N ILE A 538 9.48 0.19 13.54
CA ILE A 538 8.12 -0.23 13.84
C ILE A 538 7.73 0.52 15.10
N TYR A 539 6.57 1.16 15.06
CA TYR A 539 6.12 1.97 16.18
C TYR A 539 6.14 1.18 17.46
N GLY A 540 6.90 1.68 18.43
CA GLY A 540 7.07 1.02 19.72
C GLY A 540 7.79 -0.32 19.70
N ASP A 541 8.49 -0.68 18.62
CA ASP A 541 9.13 -2.00 18.63
C ASP A 541 10.32 -2.00 17.69
N HIS A 542 11.34 -1.22 18.05
CA HIS A 542 12.54 -1.19 17.24
C HIS A 542 13.22 -2.55 17.23
N ALA A 543 13.12 -3.28 18.34
CA ALA A 543 13.73 -4.60 18.40
C ALA A 543 13.15 -5.53 17.34
N ARG A 544 11.83 -5.52 17.15
CA ARG A 544 11.22 -6.35 16.11
C ARG A 544 11.65 -5.89 14.72
N PHE A 545 11.78 -4.57 14.54
CA PHE A 545 12.25 -4.01 13.28
C PHE A 545 13.62 -4.54 12.93
N GLU A 546 14.53 -4.51 13.91
CA GLU A 546 15.88 -5.03 13.69
C GLU A 546 15.87 -6.53 13.41
N LYS A 547 15.07 -7.31 14.16
CA LYS A 547 15.00 -8.74 13.94
C LYS A 547 14.43 -9.07 12.56
N THR A 548 13.35 -8.40 12.17
CA THR A 548 12.62 -8.75 10.96
C THR A 548 13.40 -8.37 9.71
N TYR A 549 13.98 -7.17 9.69
CA TYR A 549 14.55 -6.62 8.46
C TYR A 549 16.08 -6.60 8.44
N PHE A 550 16.75 -6.68 9.59
CA PHE A 550 18.20 -6.53 9.66
C PHE A 550 18.88 -7.74 10.31
N GLY A 551 18.29 -8.92 10.09
CA GLY A 551 18.90 -10.14 10.59
C GLY A 551 20.26 -10.45 9.99
N VAL A 552 20.53 -10.00 8.77
CA VAL A 552 21.82 -10.19 8.13
C VAL A 552 22.54 -8.85 8.13
N ASP A 553 23.64 -8.76 8.89
CA ASP A 553 24.33 -7.49 9.04
C ASP A 553 24.72 -6.94 7.67
N GLY A 554 24.39 -5.67 7.45
CA GLY A 554 24.73 -4.96 6.25
C GLY A 554 23.60 -4.81 5.26
N TYR A 555 22.47 -5.46 5.49
CA TYR A 555 21.40 -5.51 4.50
C TYR A 555 20.03 -5.26 5.11
N TYR A 556 19.18 -4.55 4.37
CA TYR A 556 17.74 -4.59 4.59
C TYR A 556 17.17 -5.80 3.87
N MET A 557 16.54 -6.71 4.62
CA MET A 557 16.00 -7.95 4.08
C MET A 557 14.53 -7.75 3.73
N THR A 558 14.17 -7.94 2.44
CA THR A 558 12.82 -7.62 2.00
C THR A 558 11.75 -8.63 2.42
N GLY A 559 12.11 -9.89 2.64
CA GLY A 559 11.11 -10.94 2.77
C GLY A 559 10.64 -11.54 1.46
N ASP A 560 11.14 -11.04 0.33
CA ASP A 560 10.86 -11.61 -1.00
C ASP A 560 12.04 -12.42 -1.53
N GLY A 561 11.72 -13.38 -2.40
CA GLY A 561 12.73 -14.04 -3.20
C GLY A 561 12.78 -13.39 -4.57
N ALA A 562 13.93 -13.52 -5.21
CA ALA A 562 14.07 -12.93 -6.53
C ALA A 562 15.18 -13.61 -7.29
N ARG A 563 15.11 -13.41 -8.59
CA ARG A 563 16.12 -13.85 -9.53
C ARG A 563 16.64 -12.62 -10.25
N ARG A 564 17.95 -12.54 -10.44
CA ARG A 564 18.54 -11.50 -11.30
C ARG A 564 19.12 -12.17 -12.52
N ASP A 565 18.82 -11.62 -13.71
CA ASP A 565 19.20 -12.26 -14.96
C ASP A 565 20.47 -11.61 -15.54
N SER A 566 20.86 -12.07 -16.74
CA SER A 566 22.14 -11.68 -17.31
C SER A 566 22.17 -10.21 -17.74
N ASP A 567 21.01 -9.56 -17.87
CA ASP A 567 20.93 -8.14 -18.14
C ASP A 567 20.83 -7.30 -16.86
N GLY A 568 20.96 -7.94 -15.70
CA GLY A 568 20.76 -7.26 -14.42
C GLY A 568 19.33 -6.97 -14.07
N TYR A 569 18.38 -7.56 -14.79
CA TYR A 569 16.95 -7.36 -14.50
C TYR A 569 16.50 -8.29 -13.40
N TYR A 570 15.62 -7.79 -12.54
CA TYR A 570 15.10 -8.56 -11.40
C TYR A 570 13.72 -9.12 -11.66
N TRP A 571 13.51 -10.36 -11.19
CA TRP A 571 12.28 -11.09 -11.31
C TRP A 571 11.88 -11.49 -9.89
N ILE A 572 10.80 -10.89 -9.39
CA ILE A 572 10.41 -11.14 -8.02
C ILE A 572 9.50 -12.36 -8.01
N THR A 573 9.82 -13.33 -7.15
CA THR A 573 9.15 -14.61 -7.15
C THR A 573 8.17 -14.80 -5.99
N GLY A 574 8.07 -13.85 -5.07
CA GLY A 574 7.07 -13.87 -4.02
C GLY A 574 7.71 -13.90 -2.65
N ARG A 575 6.84 -13.84 -1.64
CA ARG A 575 7.29 -13.84 -0.25
C ARG A 575 7.86 -15.20 0.12
N VAL A 576 8.91 -15.18 0.93
CA VAL A 576 9.52 -16.40 1.44
C VAL A 576 9.13 -16.66 2.90
N ASP A 577 8.28 -15.83 3.51
CA ASP A 577 7.72 -16.05 4.83
C ASP A 577 6.23 -16.44 4.70
N ASP A 578 5.52 -16.41 5.84
CA ASP A 578 4.14 -16.88 5.91
C ASP A 578 3.13 -15.73 5.84
N VAL A 579 3.38 -14.74 5.01
CA VAL A 579 2.41 -13.70 4.72
C VAL A 579 1.83 -13.99 3.34
N LEU A 580 0.52 -13.92 3.24
CA LEU A 580 -0.19 -14.10 1.99
C LEU A 580 -0.32 -12.78 1.26
N ASN A 581 -0.47 -12.89 -0.05
CA ASN A 581 -0.72 -11.75 -0.91
C ASN A 581 -2.05 -12.03 -1.60
N VAL A 582 -3.11 -11.48 -1.03
CA VAL A 582 -4.48 -11.77 -1.44
C VAL A 582 -5.02 -10.55 -2.15
N SER A 583 -5.10 -10.60 -3.47
CA SER A 583 -5.59 -9.48 -4.28
C SER A 583 -4.74 -8.23 -4.06
N GLY A 584 -3.44 -8.41 -3.87
CA GLY A 584 -2.55 -7.30 -3.61
C GLY A 584 -2.40 -6.92 -2.14
N HIS A 585 -3.25 -7.44 -1.27
CA HIS A 585 -3.22 -7.10 0.14
C HIS A 585 -2.43 -8.15 0.91
N ARG A 586 -1.48 -7.71 1.73
CA ARG A 586 -0.73 -8.66 2.53
C ARG A 586 -1.46 -8.88 3.86
N ILE A 587 -1.59 -10.15 4.24
CA ILE A 587 -2.29 -10.54 5.45
C ILE A 587 -1.60 -11.78 6.00
N GLY A 588 -1.46 -11.83 7.32
CA GLY A 588 -0.76 -12.93 7.96
C GLY A 588 -1.71 -14.09 8.23
N THR A 589 -1.22 -15.30 7.97
CA THR A 589 -2.04 -16.49 8.22
C THR A 589 -2.43 -16.61 9.70
N SER A 590 -1.56 -16.21 10.64
CA SER A 590 -1.92 -16.41 12.04
C SER A 590 -3.03 -15.46 12.49
N GLU A 591 -3.13 -14.27 11.89
CA GLU A 591 -4.26 -13.40 12.20
C GLU A 591 -5.59 -14.07 11.82
N ILE A 592 -5.61 -14.71 10.64
CA ILE A 592 -6.83 -15.35 10.18
C ILE A 592 -7.12 -16.57 11.05
N GLU A 593 -6.08 -17.33 11.37
CA GLU A 593 -6.26 -18.50 12.26
C GLU A 593 -6.87 -18.08 13.59
N ASP A 594 -6.34 -17.04 14.21
CA ASP A 594 -6.87 -16.61 15.49
C ASP A 594 -8.34 -16.22 15.35
N ALA A 595 -8.66 -15.49 14.29
CA ALA A 595 -10.05 -15.09 14.09
C ALA A 595 -10.96 -16.30 13.92
N VAL A 596 -10.54 -17.27 13.10
CA VAL A 596 -11.33 -18.49 12.94
C VAL A 596 -11.53 -19.17 14.29
N ASN A 597 -10.47 -19.25 15.09
CA ASN A 597 -10.53 -19.98 16.34
C ASN A 597 -11.47 -19.33 17.34
N THR A 598 -11.85 -18.06 17.15
CA THR A 598 -12.81 -17.44 18.05
C THR A 598 -14.23 -17.94 17.85
N HIS A 599 -14.53 -18.64 16.76
CA HIS A 599 -15.87 -19.20 16.64
C HIS A 599 -16.02 -20.31 17.68
N PRO A 600 -17.11 -20.36 18.43
CA PRO A 600 -17.13 -21.28 19.58
C PRO A 600 -17.12 -22.76 19.19
N ALA A 601 -17.62 -23.11 18.01
CA ALA A 601 -17.60 -24.50 17.55
C ALA A 601 -16.21 -24.97 17.08
N VAL A 602 -15.27 -24.06 16.87
CA VAL A 602 -13.96 -24.38 16.27
C VAL A 602 -12.99 -24.77 17.37
N VAL A 603 -12.30 -25.89 17.16
CA VAL A 603 -11.22 -26.29 18.05
C VAL A 603 -9.93 -25.68 17.56
N GLU A 604 -9.59 -25.96 16.31
CA GLU A 604 -8.26 -25.73 15.78
C GLU A 604 -8.39 -25.34 14.32
N SER A 605 -7.48 -24.49 13.84
CA SER A 605 -7.47 -24.15 12.42
C SER A 605 -6.07 -23.89 11.91
N ALA A 606 -5.88 -24.09 10.61
CA ALA A 606 -4.63 -23.73 9.97
C ALA A 606 -4.98 -23.06 8.66
N VAL A 607 -4.36 -21.94 8.39
CA VAL A 607 -4.62 -21.14 7.22
C VAL A 607 -3.39 -21.15 6.34
N VAL A 608 -3.58 -21.45 5.07
CA VAL A 608 -2.51 -21.37 4.09
C VAL A 608 -3.01 -20.66 2.86
N GLY A 609 -2.06 -20.15 2.07
CA GLY A 609 -2.39 -19.60 0.79
C GLY A 609 -2.42 -20.68 -0.28
N PHE A 610 -3.15 -20.43 -1.36
CA PHE A 610 -3.14 -21.36 -2.48
C PHE A 610 -3.29 -20.57 -3.77
N PRO A 611 -2.80 -21.09 -4.89
CA PRO A 611 -2.86 -20.32 -6.14
C PRO A 611 -4.29 -20.05 -6.56
N HIS A 612 -4.53 -18.82 -7.02
CA HIS A 612 -5.86 -18.35 -7.35
C HIS A 612 -5.76 -17.53 -8.61
N ASN A 613 -6.57 -17.86 -9.63
CA ASN A 613 -6.32 -17.32 -10.96
C ASN A 613 -6.67 -15.83 -11.07
N ILE A 614 -7.44 -15.29 -10.14
CA ILE A 614 -7.75 -13.87 -10.09
C ILE A 614 -7.00 -13.18 -8.96
N LYS A 615 -7.14 -13.68 -7.74
CA LYS A 615 -6.60 -13.03 -6.55
C LYS A 615 -5.10 -13.24 -6.37
N GLY A 616 -4.48 -14.07 -7.21
CA GLY A 616 -3.07 -14.43 -7.09
C GLY A 616 -2.88 -15.53 -6.07
N GLU A 617 -3.28 -15.24 -4.85
CA GLU A 617 -3.26 -16.19 -3.75
C GLU A 617 -4.61 -16.11 -3.04
N GLY A 618 -5.25 -17.25 -2.84
CA GLY A 618 -6.46 -17.33 -2.06
C GLY A 618 -6.18 -17.76 -0.64
N ILE A 619 -7.22 -17.66 0.20
CA ILE A 619 -7.13 -18.03 1.60
C ILE A 619 -7.82 -19.38 1.77
N TYR A 620 -7.05 -20.38 2.20
CA TYR A 620 -7.55 -21.74 2.40
C TYR A 620 -7.48 -22.09 3.88
N VAL A 621 -8.61 -22.49 4.44
CA VAL A 621 -8.74 -22.77 5.86
C VAL A 621 -9.04 -24.26 6.03
N PHE A 622 -8.16 -24.93 6.76
CA PHE A 622 -8.41 -26.27 7.29
C PHE A 622 -8.86 -26.06 8.73
N LEU A 623 -9.96 -26.69 9.13
CA LEU A 623 -10.36 -26.54 10.53
C LEU A 623 -11.06 -27.78 11.05
N THR A 624 -11.05 -27.88 12.38
CA THR A 624 -11.67 -28.97 13.11
C THR A 624 -12.64 -28.38 14.12
N PHE A 625 -13.81 -29.01 14.22
CA PHE A 625 -14.84 -28.59 15.16
C PHE A 625 -14.89 -29.57 16.32
N ARG A 626 -15.50 -29.12 17.42
CA ARG A 626 -15.67 -29.97 18.59
C ARG A 626 -16.44 -31.23 18.23
N GLN A 627 -16.23 -32.29 19.01
CA GLN A 627 -16.84 -33.58 18.72
C GLN A 627 -18.36 -33.47 18.70
N GLY A 628 -18.98 -34.02 17.66
CA GLY A 628 -20.42 -34.04 17.54
C GLY A 628 -21.06 -32.85 16.85
N THR A 629 -20.27 -31.99 16.21
CA THR A 629 -20.85 -30.83 15.53
C THR A 629 -21.50 -31.29 14.23
N GLU A 630 -22.71 -30.81 13.97
CA GLU A 630 -23.38 -31.01 12.68
C GLU A 630 -22.94 -29.87 11.76
N VAL A 631 -22.22 -30.22 10.69
CA VAL A 631 -21.55 -29.24 9.83
C VAL A 631 -22.44 -28.98 8.61
N THR A 632 -22.86 -27.73 8.43
CA THR A 632 -23.75 -27.31 7.36
C THR A 632 -23.13 -26.16 6.58
N PRO A 633 -23.69 -25.83 5.42
CA PRO A 633 -23.24 -24.61 4.71
C PRO A 633 -23.34 -23.37 5.58
N GLU A 634 -24.34 -23.36 6.47
CA GLU A 634 -24.59 -22.19 7.31
C GLU A 634 -23.53 -22.06 8.40
N LEU A 635 -23.07 -23.18 8.97
CA LEU A 635 -22.07 -23.11 10.03
C LEU A 635 -20.72 -22.66 9.46
N LEU A 636 -20.33 -23.21 8.32
CA LEU A 636 -19.16 -22.70 7.62
C LEU A 636 -19.32 -21.23 7.28
N ALA A 637 -20.55 -20.83 6.94
CA ALA A 637 -20.82 -19.42 6.69
C ALA A 637 -20.62 -18.57 7.94
N ALA A 638 -20.98 -19.12 9.10
CA ALA A 638 -20.81 -18.40 10.36
C ALA A 638 -19.34 -18.25 10.73
N VAL A 639 -18.53 -19.28 10.46
CA VAL A 639 -17.10 -19.15 10.70
C VAL A 639 -16.50 -18.10 9.78
N LYS A 640 -16.89 -18.12 8.50
CA LYS A 640 -16.45 -17.08 7.56
C LYS A 640 -16.84 -15.68 8.04
N ALA A 641 -18.09 -15.53 8.48
CA ALA A 641 -18.55 -14.24 8.97
C ALA A 641 -17.79 -13.81 10.22
N THR A 642 -17.40 -14.76 11.08
CA THR A 642 -16.58 -14.42 12.23
C THR A 642 -15.25 -13.79 11.81
N VAL A 643 -14.59 -14.35 10.79
CA VAL A 643 -13.37 -13.75 10.26
C VAL A 643 -13.65 -12.34 9.71
N ARG A 644 -14.76 -12.18 9.01
CA ARG A 644 -15.08 -10.86 8.48
C ARG A 644 -15.44 -9.87 9.59
N LYS A 645 -15.98 -10.33 10.72
CA LYS A 645 -16.23 -9.44 11.87
C LYS A 645 -14.94 -9.05 12.57
N VAL A 646 -14.01 -9.99 12.73
CA VAL A 646 -12.78 -9.72 13.45
C VAL A 646 -11.83 -8.85 12.64
N ILE A 647 -11.66 -9.17 11.35
CA ILE A 647 -10.71 -8.49 10.49
C ILE A 647 -11.43 -7.64 9.45
N GLY A 648 -12.21 -8.26 8.60
CA GLY A 648 -12.92 -7.58 7.54
C GLY A 648 -13.05 -8.46 6.30
N PRO A 649 -13.81 -7.99 5.32
CA PRO A 649 -14.04 -8.79 4.09
C PRO A 649 -12.77 -9.15 3.33
N LEU A 650 -11.71 -8.36 3.43
CA LEU A 650 -10.49 -8.71 2.72
C LEU A 650 -9.92 -10.04 3.17
N ALA A 651 -10.25 -10.50 4.37
CA ALA A 651 -9.70 -11.73 4.92
C ALA A 651 -10.66 -12.90 4.78
N THR A 652 -11.70 -12.77 3.97
CA THR A 652 -12.68 -13.84 3.80
C THR A 652 -12.02 -15.10 3.26
N PRO A 653 -12.18 -16.25 3.92
CA PRO A 653 -11.67 -17.51 3.38
C PRO A 653 -12.33 -17.81 2.03
N ASP A 654 -11.51 -18.29 1.11
CA ASP A 654 -12.00 -18.76 -0.17
C ASP A 654 -12.46 -20.20 -0.14
N VAL A 655 -11.80 -21.04 0.65
CA VAL A 655 -12.16 -22.44 0.79
C VAL A 655 -12.08 -22.76 2.26
N MET A 656 -13.05 -23.49 2.77
CA MET A 656 -12.97 -24.01 4.12
C MET A 656 -13.11 -25.52 4.07
N GLN A 657 -12.05 -26.22 4.45
CA GLN A 657 -12.05 -27.67 4.43
C GLN A 657 -12.11 -28.17 5.87
N VAL A 658 -13.06 -29.05 6.15
CA VAL A 658 -13.21 -29.63 7.47
C VAL A 658 -12.30 -30.86 7.55
N ALA A 659 -11.40 -30.84 8.54
CA ALA A 659 -10.48 -31.95 8.81
C ALA A 659 -11.14 -32.90 9.81
N ARG A 660 -11.76 -33.96 9.28
CA ARG A 660 -12.61 -34.83 10.10
C ARG A 660 -11.86 -35.39 11.31
N VAL A 661 -10.59 -35.76 11.13
CA VAL A 661 -9.83 -36.49 12.13
C VAL A 661 -8.81 -35.62 12.84
N GLY A 662 -8.67 -34.37 12.44
CA GLY A 662 -7.66 -33.48 13.00
C GLY A 662 -6.63 -33.08 11.97
N LEU A 663 -5.89 -32.07 12.33
CA LEU A 663 -4.82 -31.52 11.51
C LEU A 663 -3.55 -32.35 11.67
N PRO A 664 -2.73 -32.45 10.63
CA PRO A 664 -1.47 -33.20 10.73
C PRO A 664 -0.52 -32.48 11.68
N LYS A 665 -0.09 -33.21 12.72
CA LYS A 665 0.76 -32.69 13.78
C LYS A 665 1.92 -33.63 14.04
N THR A 666 3.05 -33.03 14.43
CA THR A 666 4.17 -33.79 14.95
C THR A 666 3.87 -34.31 16.36
N ARG A 667 4.77 -35.13 16.87
CA ARG A 667 4.59 -35.68 18.21
C ARG A 667 4.68 -34.60 19.28
N SER A 668 5.30 -33.45 18.97
CA SER A 668 5.31 -32.33 19.89
C SER A 668 4.09 -31.43 19.73
N GLY A 669 3.18 -31.78 18.82
CA GLY A 669 1.95 -31.06 18.65
C GLY A 669 1.98 -29.91 17.67
N LYS A 670 3.06 -29.75 16.91
CA LYS A 670 3.12 -28.65 15.94
C LYS A 670 2.44 -29.05 14.63
N ILE A 671 1.60 -28.16 14.10
CA ILE A 671 0.92 -28.45 12.84
C ILE A 671 1.94 -28.45 11.71
N VAL A 672 1.86 -29.45 10.84
CA VAL A 672 2.82 -29.61 9.74
C VAL A 672 2.21 -28.91 8.54
N ARG A 673 2.43 -27.60 8.48
CA ARG A 673 1.80 -26.76 7.48
C ARG A 673 2.25 -27.07 6.07
N ARG A 674 3.45 -27.65 5.90
CA ARG A 674 3.89 -27.99 4.56
C ARG A 674 2.88 -28.91 3.87
N ILE A 675 2.37 -29.91 4.59
CA ILE A 675 1.40 -30.84 4.02
C ILE A 675 0.13 -30.09 3.62
N LEU A 676 -0.29 -29.14 4.44
CA LEU A 676 -1.51 -28.39 4.15
C LEU A 676 -1.31 -27.48 2.94
N ARG A 677 -0.13 -26.88 2.79
CA ARG A 677 0.11 -26.05 1.60
C ARG A 677 0.04 -26.90 0.33
N LYS A 678 0.58 -28.12 0.38
CA LYS A 678 0.58 -28.94 -0.83
C LYS A 678 -0.81 -29.46 -1.16
N VAL A 679 -1.57 -29.84 -0.14
CA VAL A 679 -2.94 -30.29 -0.40
C VAL A 679 -3.76 -29.15 -1.01
N SER A 680 -3.69 -27.96 -0.41
CA SER A 680 -4.54 -26.87 -0.87
C SER A 680 -4.23 -26.47 -2.31
N ALA A 681 -2.98 -26.67 -2.75
CA ALA A 681 -2.59 -26.38 -4.12
C ALA A 681 -2.79 -27.56 -5.06
N GLY A 682 -3.28 -28.69 -4.55
CA GLY A 682 -3.46 -29.88 -5.36
C GLY A 682 -2.18 -30.60 -5.72
N GLN A 683 -1.08 -30.34 -5.02
CA GLN A 683 0.21 -30.93 -5.37
C GLN A 683 0.46 -32.18 -4.53
N TYR A 684 -0.38 -33.20 -4.75
CA TYR A 684 -0.36 -34.39 -3.91
C TYR A 684 0.94 -35.18 -4.03
N THR A 685 1.60 -35.15 -5.18
CA THR A 685 2.86 -35.88 -5.32
C THR A 685 3.97 -35.27 -4.45
N GLU A 686 3.84 -34.01 -4.07
CA GLU A 686 4.90 -33.31 -3.36
C GLU A 686 4.57 -33.10 -1.89
N LEU A 687 3.69 -33.94 -1.33
CA LEU A 687 3.34 -33.83 0.08
C LEU A 687 4.57 -33.77 0.99
N GLY A 688 5.59 -34.54 0.67
CA GLY A 688 6.77 -34.57 1.51
C GLY A 688 6.60 -35.49 2.70
N ASP A 689 7.57 -35.37 3.61
CA ASP A 689 7.72 -36.34 4.67
C ASP A 689 6.48 -36.42 5.56
N THR A 690 6.09 -37.65 5.87
CA THR A 690 5.02 -37.93 6.82
C THR A 690 5.54 -38.64 8.05
N SER A 691 6.83 -38.96 8.12
CA SER A 691 7.34 -39.79 9.19
C SER A 691 7.35 -39.06 10.52
N THR A 692 7.31 -37.73 10.51
CA THR A 692 7.28 -37.01 11.78
C THR A 692 5.88 -36.78 12.30
N LEU A 693 4.84 -37.20 11.56
CA LEU A 693 3.46 -37.03 12.03
C LEU A 693 3.14 -38.00 13.15
N ALA A 694 2.43 -37.50 14.17
CA ALA A 694 1.89 -38.39 15.17
C ALA A 694 0.65 -39.11 14.66
N ASN A 695 -0.04 -38.51 13.69
CA ASN A 695 -1.31 -39.04 13.19
C ASN A 695 -1.27 -39.17 11.66
N PRO A 696 -0.40 -40.03 11.12
CA PRO A 696 -0.24 -40.11 9.65
C PRO A 696 -1.50 -40.54 8.92
N ASP A 697 -2.43 -41.20 9.59
CA ASP A 697 -3.70 -41.59 8.98
C ASP A 697 -4.54 -40.41 8.50
N VAL A 698 -4.28 -39.17 8.94
CA VAL A 698 -5.12 -38.06 8.52
C VAL A 698 -4.86 -37.66 7.08
N VAL A 699 -3.71 -38.02 6.50
CA VAL A 699 -3.33 -37.48 5.21
C VAL A 699 -4.31 -37.92 4.13
N GLU A 700 -4.72 -39.20 4.14
CA GLU A 700 -5.60 -39.70 3.09
C GLU A 700 -6.91 -38.91 3.05
N ASP A 701 -7.49 -38.62 4.22
CA ASP A 701 -8.74 -37.86 4.31
C ASP A 701 -8.57 -36.44 3.79
N LEU A 702 -7.44 -35.81 4.09
CA LEU A 702 -7.24 -34.43 3.66
C LEU A 702 -7.21 -34.33 2.14
N ILE A 703 -6.57 -35.30 1.48
CA ILE A 703 -6.54 -35.31 0.02
C ILE A 703 -7.94 -35.58 -0.54
N ALA A 704 -8.63 -36.58 0.02
CA ALA A 704 -9.92 -36.97 -0.53
C ALA A 704 -10.92 -35.83 -0.43
N GLU A 705 -10.98 -35.19 0.75
CA GLU A 705 -11.84 -34.02 0.93
C GLU A 705 -11.49 -32.93 -0.06
N HIS A 706 -10.20 -32.60 -0.19
CA HIS A 706 -9.81 -31.53 -1.11
C HIS A 706 -10.31 -31.82 -2.50
N GLN A 707 -10.10 -33.05 -2.98
CA GLN A 707 -10.65 -33.44 -4.28
C GLN A 707 -12.15 -33.25 -4.34
N ARG A 708 -12.87 -33.63 -3.28
CA ARG A 708 -14.32 -33.45 -3.26
C ARG A 708 -14.69 -31.97 -3.42
N LEU A 709 -14.14 -31.11 -2.57
CA LEU A 709 -14.34 -29.68 -2.73
C LEU A 709 -13.78 -29.20 -4.06
N CYS A 710 -12.78 -29.89 -4.59
CA CYS A 710 -12.04 -29.49 -5.78
C CYS A 710 -11.18 -28.27 -5.47
N SER A 711 -11.80 -27.09 -5.30
CA SER A 711 -11.12 -25.91 -4.73
C SER A 711 -10.30 -25.13 -5.76
S SO4 B . 7.50 19.15 -17.18
O1 SO4 B . 7.45 18.16 -16.05
O2 SO4 B . 6.13 19.55 -17.53
O3 SO4 B . 8.14 18.54 -18.39
O4 SO4 B . 8.29 20.34 -16.73
S SO4 C . 1.92 -24.34 15.38
O1 SO4 C . 0.76 -25.12 15.90
O2 SO4 C . 2.58 -25.10 14.26
O3 SO4 C . 1.46 -23.00 14.87
O4 SO4 C . 2.91 -24.13 16.50
S SO4 D . -12.26 27.02 -8.00
O1 SO4 D . -12.62 26.77 -6.57
O2 SO4 D . -12.84 25.92 -8.84
O3 SO4 D . -12.84 28.33 -8.44
O4 SO4 D . -10.75 27.07 -8.15
S SO4 E . 27.89 9.06 10.45
O1 SO4 E . 26.82 8.07 10.80
O2 SO4 E . 29.18 8.56 11.03
O3 SO4 E . 27.54 10.39 11.03
O4 SO4 E . 28.03 9.16 8.96
S SO4 F . -7.29 -1.25 -3.27
O1 SO4 F . -7.93 -1.65 -1.95
O2 SO4 F . -6.98 -2.48 -4.08
O3 SO4 F . -8.22 -0.36 -4.05
O4 SO4 F . -5.99 -0.52 -3.03
CL CL G . 7.07 -10.46 11.30
P AMP H . 2.85 -3.96 0.51
O1P AMP H . 1.37 -4.05 0.77
O2P AMP H . 3.16 -2.99 -0.61
O3P AMP H . 3.70 -3.75 1.73
O5' AMP H . 3.25 -5.38 -0.07
C5' AMP H . 4.57 -5.59 -0.54
C4' AMP H . 4.75 -6.98 -1.08
O4' AMP H . 3.93 -7.15 -2.27
C3' AMP H . 6.15 -7.31 -1.54
O3' AMP H . 6.96 -7.73 -0.47
C2' AMP H . 5.93 -8.39 -2.57
O2' AMP H . 5.69 -9.65 -1.95
C1' AMP H . 4.64 -7.91 -3.22
N9 AMP H . 4.90 -7.05 -4.38
C8 AMP H . 4.76 -5.72 -4.43
N7 AMP H . 5.05 -5.27 -5.69
C5 AMP H . 5.35 -6.36 -6.42
C6 AMP H . 5.73 -6.62 -7.80
N6 AMP H . 5.82 -5.55 -8.62
N1 AMP H . 5.97 -7.87 -8.20
C2 AMP H . 5.87 -8.91 -7.36
N3 AMP H . 5.51 -8.76 -6.06
C4 AMP H . 5.24 -7.53 -5.57
N1A COA I . -14.13 0.00 1.54
C2A COA I . -14.96 -0.94 2.01
N3A COA I . -15.07 -2.21 1.65
C4A COA I . -14.19 -2.52 0.68
C5A COA I . -13.28 -1.66 0.09
C6A COA I . -13.25 -0.33 0.56
N6A COA I . -12.45 0.61 0.07
N7A COA I . -12.54 -2.34 -0.87
C8A COA I . -12.99 -3.57 -0.85
N9A COA I . -13.99 -3.74 0.09
C1B COA I . -14.76 -4.97 0.34
C2B COA I . -15.66 -5.29 -0.84
O2B COA I . -16.86 -4.55 -0.78
C3B COA I . -15.85 -6.80 -0.69
O3B COA I . -16.89 -7.01 0.26
P3B COA I . -17.80 -8.34 0.02
O7A COA I . -18.37 -8.34 -1.41
O8A COA I . -18.90 -8.23 1.04
O9A COA I . -16.89 -9.52 0.26
C4B COA I . -14.49 -7.23 -0.15
O4B COA I . -13.88 -6.06 0.44
C5B COA I . -13.54 -7.78 -1.20
O5B COA I . -13.15 -6.72 -2.08
P1A COA I . -12.32 -7.14 -3.39
O1A COA I . -12.87 -8.44 -3.91
O2A COA I . -10.86 -7.02 -3.13
O3A COA I . -12.79 -6.00 -4.41
P2A COA I . -14.28 -5.79 -4.92
O4A COA I . -14.74 -4.43 -4.50
O5A COA I . -15.08 -6.98 -4.51
O6A COA I . -14.10 -5.83 -6.51
#